data_1CJK
#
_entry.id   1CJK
#
_cell.length_a   118.900
_cell.length_b   134.900
_cell.length_c   72.200
_cell.angle_alpha   90.00
_cell.angle_beta   90.00
_cell.angle_gamma   90.00
#
_symmetry.space_group_name_H-M   'P 21 21 2'
#
loop_
_entity.id
_entity.type
_entity.pdbx_description
1 polymer 'ADENYLATE CYCLASE, TYPE V'
2 polymer 'ADENYLATE CYCLASE, TYPE II'
3 polymer 'GUANINE NUCLEOTIDE-BINDING PROTEIN G(S)'
4 non-polymer 'MAGNESIUM ION'
5 non-polymer 'MANGANESE (II) ION'
6 non-polymer FORSKOLIN
7 non-polymer "ADENOSINE-5'-RP-ALPHA-THIO-TRIPHOSPHATE"
8 non-polymer '2-(N-MORPHOLINO)-ETHANESULFONIC ACID'
9 non-polymer 'CHLORIDE ION'
10 non-polymer "5'-GUANOSINE-DIPHOSPHATE-MONOTHIOPHOSPHATE"
11 water water
#
loop_
_entity_poly.entity_id
_entity_poly.type
_entity_poly.pdbx_seq_one_letter_code
_entity_poly.pdbx_strand_id
1 'polypeptide(L)'
;MEMKADINAKQEDMMFHKIYIQKHDNVSILFADIEGFTSLASQCTAQELVMTLNELFARFDKLAAENHCLRIKILGDCYY
CVSGLPEARADHAHCCVEMGMDMIEAISLVREMTGVNVNMRVGIHSGRVHCGVLGLRKWQFDVWSNDVTLANHMEAGGKA
GRIHITKATLSYLNGDYEVEPGCGGERNAYLKEHSIETFLILRCTQKRKEEKAMIAK
;
A
2 'polypeptide(L)'
;RSLKNEELYHQSYDCVCVMFASIPDFKEFYTESDVNKEGLECLRLLNEIIADFDDLLSKPKFSGVEKIKTIGSTYMAATG
LSAIPSQEHAQEPERQYMHIGTMVEFAYALVGKLDAINKHSFNDFKLRVGINHGPVIAGVIGAQKPQYDIWGNTVNVASR
MDSTGVLDKIQVTEETSLILQTLGYTCTCRGIINVKGKGDLKTYFVNTEMSR
;
B
3 'polypeptide(L)'
;MGCLGNSKTEDQRNEEKAQREANKKIEKQLQKDKQVYRATHRLLLLGAGESGKSTIVKQMRILHVNGFNGGEGGEEDPNA
KSNSDGEKATKVQDIKNNLKEAIETIVAAMSNLVPPVELANPENQFRVDYILSVMNVPDFDFPPEFYEHAKALWEDEGVR
ACYERSNEYQLIDCAQYFLDKIDVIKQDDYVPSDQDLLRCRVLTSGIFETKFQVDKVNFHMFDVGGQRDERRKWIQCFND
VTAIIFVVASSSYNMVIREDNQTNRLQEALNLFKSIWNNRWLRTISVILFLNKQDLLAEKVLAGKSKIEDYFPEFARYTT
PEDATPEPGEDPRVTRAKYFIRDEFLRISTASGDGRHYCYPHFTCAVDTENIRRVFNDCRDIIQRMHLRQYELLGGHHHH
HH
;
C
#
# COMPACT_ATOMS: atom_id res chain seq x y z
N MET A 14 -2.61 4.66 22.87
CA MET A 14 -2.32 4.06 21.58
C MET A 14 -2.81 4.94 20.41
N MET A 15 -2.08 4.91 19.30
CA MET A 15 -2.43 5.71 18.13
C MET A 15 -3.24 4.94 17.08
N PHE A 16 -3.20 3.62 17.16
CA PHE A 16 -3.97 2.79 16.24
C PHE A 16 -5.15 2.22 17.01
N HIS A 17 -6.34 2.32 16.44
CA HIS A 17 -7.54 1.77 17.07
C HIS A 17 -7.29 0.29 17.31
N LYS A 18 -7.70 -0.21 18.48
CA LYS A 18 -7.50 -1.63 18.78
C LYS A 18 -8.17 -2.45 17.69
N ILE A 19 -7.43 -3.40 17.15
CA ILE A 19 -7.95 -4.25 16.09
C ILE A 19 -8.46 -5.60 16.62
N TYR A 20 -9.68 -5.94 16.23
CA TYR A 20 -10.31 -7.19 16.67
C TYR A 20 -10.23 -8.27 15.58
N ILE A 21 -9.02 -8.78 15.35
CA ILE A 21 -8.76 -9.80 14.34
C ILE A 21 -7.75 -10.83 14.81
N GLN A 22 -7.91 -12.06 14.33
CA GLN A 22 -7.00 -13.17 14.68
C GLN A 22 -6.80 -14.12 13.49
N LYS A 23 -5.61 -14.72 13.41
CA LYS A 23 -5.30 -15.64 12.32
C LYS A 23 -5.63 -17.10 12.59
N HIS A 24 -6.02 -17.80 11.53
CA HIS A 24 -6.37 -19.22 11.61
C HIS A 24 -5.95 -20.00 10.36
N ASP A 25 -5.05 -20.97 10.55
CA ASP A 25 -4.58 -21.84 9.47
C ASP A 25 -5.46 -23.09 9.33
N ASN A 26 -5.37 -23.75 8.18
CA ASN A 26 -6.11 -24.98 7.93
C ASN A 26 -7.63 -24.88 8.07
N VAL A 27 -8.26 -24.13 7.17
CA VAL A 27 -9.71 -23.95 7.16
C VAL A 27 -10.25 -24.02 5.73
N SER A 28 -11.55 -24.25 5.60
CA SER A 28 -12.17 -24.34 4.29
C SER A 28 -13.22 -23.23 4.12
N ILE A 29 -13.31 -22.69 2.91
CA ILE A 29 -14.24 -21.61 2.60
C ILE A 29 -15.16 -21.97 1.44
N LEU A 30 -16.46 -21.78 1.62
CA LEU A 30 -17.43 -22.08 0.56
C LEU A 30 -18.23 -20.85 0.17
N PHE A 31 -18.40 -20.65 -1.13
CA PHE A 31 -19.16 -19.52 -1.67
C PHE A 31 -20.30 -20.04 -2.56
N ALA A 32 -21.43 -19.33 -2.53
CA ALA A 32 -22.58 -19.72 -3.34
C ALA A 32 -23.25 -18.45 -3.86
N ASP A 33 -23.44 -18.37 -5.17
CA ASP A 33 -24.07 -17.21 -5.78
C ASP A 33 -25.19 -17.60 -6.76
N ILE A 34 -26.20 -16.76 -6.90
CA ILE A 34 -27.31 -17.03 -7.80
C ILE A 34 -27.09 -16.47 -9.21
N GLU A 35 -27.45 -17.26 -10.22
CA GLU A 35 -27.33 -16.85 -11.62
C GLU A 35 -28.40 -15.85 -12.05
N GLY A 36 -27.99 -14.84 -12.81
CA GLY A 36 -28.92 -13.82 -13.27
C GLY A 36 -29.81 -13.24 -12.21
N PHE A 37 -29.25 -12.93 -11.05
CA PHE A 37 -30.01 -12.37 -9.94
C PHE A 37 -30.49 -10.94 -10.24
N THR A 38 -29.61 -10.14 -10.83
CA THR A 38 -29.95 -8.76 -11.18
C THR A 38 -31.09 -8.80 -12.18
N SER A 39 -31.04 -9.78 -13.07
CA SER A 39 -32.07 -9.98 -14.08
C SER A 39 -33.40 -10.44 -13.45
N LEU A 40 -33.31 -11.33 -12.46
CA LEU A 40 -34.46 -11.86 -11.77
C LEU A 40 -35.22 -10.80 -10.99
N ALA A 41 -34.47 -9.90 -10.36
CA ALA A 41 -35.05 -8.81 -9.58
C ALA A 41 -35.85 -7.82 -10.44
N SER A 42 -35.65 -7.90 -11.75
CA SER A 42 -36.33 -7.02 -12.69
C SER A 42 -37.74 -7.51 -13.01
N GLN A 43 -37.99 -8.81 -12.82
CA GLN A 43 -39.29 -9.41 -13.09
C GLN A 43 -40.26 -9.37 -11.91
N CYS A 44 -40.04 -10.21 -10.91
CA CYS A 44 -40.91 -10.25 -9.72
C CYS A 44 -40.75 -9.03 -8.81
N THR A 45 -41.77 -8.77 -8.01
CA THR A 45 -41.79 -7.63 -7.08
C THR A 45 -40.72 -7.76 -6.02
N ALA A 46 -40.27 -6.63 -5.49
CA ALA A 46 -39.25 -6.59 -4.45
C ALA A 46 -39.71 -7.39 -3.24
N GLN A 47 -41.02 -7.44 -3.05
CA GLN A 47 -41.63 -8.16 -1.95
C GLN A 47 -41.50 -9.66 -2.14
N GLU A 48 -41.91 -10.15 -3.31
CA GLU A 48 -41.85 -11.56 -3.64
C GLU A 48 -40.44 -12.15 -3.70
N LEU A 49 -39.52 -11.42 -4.31
CA LEU A 49 -38.14 -11.84 -4.44
C LEU A 49 -37.51 -12.19 -3.09
N VAL A 50 -37.74 -11.31 -2.11
CA VAL A 50 -37.20 -11.48 -0.76
C VAL A 50 -37.70 -12.75 -0.11
N MET A 51 -38.93 -13.14 -0.44
CA MET A 51 -39.51 -14.35 0.13
C MET A 51 -38.77 -15.59 -0.39
N THR A 52 -38.47 -15.59 -1.68
CA THR A 52 -37.76 -16.69 -2.31
C THR A 52 -36.35 -16.77 -1.74
N LEU A 53 -35.79 -15.61 -1.40
CA LEU A 53 -34.46 -15.52 -0.83
C LEU A 53 -34.47 -15.99 0.62
N ASN A 54 -35.52 -15.61 1.35
CA ASN A 54 -35.68 -15.98 2.76
C ASN A 54 -35.90 -17.48 2.87
N GLU A 55 -36.72 -18.02 1.98
CA GLU A 55 -37.01 -19.44 1.93
C GLU A 55 -35.71 -20.22 1.73
N LEU A 56 -34.91 -19.75 0.79
CA LEU A 56 -33.64 -20.36 0.47
C LEU A 56 -32.57 -20.23 1.56
N PHE A 57 -32.31 -19.01 2.02
CA PHE A 57 -31.29 -18.77 3.04
C PHE A 57 -31.59 -19.24 4.47
N ALA A 58 -32.86 -19.56 4.73
CA ALA A 58 -33.25 -20.06 6.05
C ALA A 58 -32.77 -21.50 6.13
N ARG A 59 -33.11 -22.27 5.10
CA ARG A 59 -32.71 -23.66 5.01
C ARG A 59 -31.19 -23.76 5.05
N PHE A 60 -30.54 -22.89 4.27
CA PHE A 60 -29.08 -22.83 4.18
C PHE A 60 -28.47 -22.74 5.58
N ASP A 61 -28.94 -21.78 6.36
CA ASP A 61 -28.42 -21.54 7.71
C ASP A 61 -28.64 -22.72 8.64
N LYS A 62 -29.70 -23.47 8.39
CA LYS A 62 -30.06 -24.64 9.20
C LYS A 62 -29.06 -25.78 8.95
N LEU A 63 -28.79 -26.02 7.67
CA LEU A 63 -27.87 -27.07 7.24
C LEU A 63 -26.45 -26.77 7.69
N ALA A 64 -26.12 -25.49 7.83
CA ALA A 64 -24.79 -25.06 8.23
C ALA A 64 -24.40 -25.54 9.62
N ALA A 65 -25.30 -25.36 10.58
CA ALA A 65 -25.07 -25.75 11.96
C ALA A 65 -24.86 -27.26 12.08
N GLU A 66 -25.63 -28.01 11.28
CA GLU A 66 -25.54 -29.48 11.26
C GLU A 66 -24.18 -29.95 10.75
N ASN A 67 -23.75 -29.37 9.64
CA ASN A 67 -22.49 -29.72 9.01
C ASN A 67 -21.27 -29.02 9.61
N HIS A 68 -21.44 -28.44 10.79
CA HIS A 68 -20.34 -27.75 11.50
C HIS A 68 -19.69 -26.61 10.70
N CYS A 69 -20.49 -25.90 9.92
CA CYS A 69 -20.03 -24.76 9.14
C CYS A 69 -20.54 -23.45 9.71
N LEU A 70 -19.65 -22.50 9.90
CA LEU A 70 -20.03 -21.19 10.43
C LEU A 70 -20.36 -20.20 9.31
N ARG A 71 -21.63 -19.78 9.25
CA ARG A 71 -22.11 -18.83 8.27
C ARG A 71 -21.46 -17.48 8.57
N ILE A 72 -21.01 -16.79 7.52
CA ILE A 72 -20.41 -15.48 7.71
C ILE A 72 -21.46 -14.41 7.44
N LYS A 73 -21.72 -14.10 6.17
CA LYS A 73 -22.74 -13.12 5.80
C LYS A 73 -23.31 -13.27 4.39
N ILE A 74 -24.40 -12.53 4.13
CA ILE A 74 -25.07 -12.55 2.84
C ILE A 74 -24.89 -11.22 2.09
N LEU A 75 -24.24 -11.30 0.94
CA LEU A 75 -24.02 -10.11 0.11
C LEU A 75 -25.02 -10.09 -1.03
N GLY A 76 -26.30 -9.95 -0.68
CA GLY A 76 -27.34 -9.92 -1.67
C GLY A 76 -27.76 -11.34 -1.99
N ASP A 77 -27.18 -11.90 -3.04
CA ASP A 77 -27.46 -13.25 -3.47
C ASP A 77 -26.25 -14.16 -3.22
N CYS A 78 -25.18 -13.59 -2.69
CA CYS A 78 -23.95 -14.33 -2.41
C CYS A 78 -23.95 -14.81 -0.97
N TYR A 79 -23.94 -16.12 -0.79
CA TYR A 79 -23.93 -16.73 0.53
C TYR A 79 -22.58 -17.39 0.79
N TYR A 80 -21.99 -17.14 1.96
CA TYR A 80 -20.71 -17.77 2.26
C TYR A 80 -20.49 -18.14 3.72
N CYS A 81 -19.92 -19.33 3.91
CA CYS A 81 -19.66 -19.87 5.24
C CYS A 81 -18.31 -20.54 5.23
N VAL A 82 -17.77 -20.81 6.41
CA VAL A 82 -16.48 -21.48 6.53
C VAL A 82 -16.52 -22.63 7.55
N SER A 83 -15.58 -23.57 7.41
CA SER A 83 -15.48 -24.70 8.32
C SER A 83 -14.09 -24.71 8.93
N GLY A 84 -14.01 -24.94 10.24
CA GLY A 84 -12.72 -24.94 10.90
C GLY A 84 -12.63 -23.77 11.85
N LEU A 85 -13.75 -23.07 12.03
CA LEU A 85 -13.82 -21.92 12.91
C LEU A 85 -15.03 -22.01 13.85
N PRO A 86 -14.89 -21.46 15.07
CA PRO A 86 -13.66 -20.82 15.55
C PRO A 86 -12.65 -21.85 16.12
N GLU A 87 -13.17 -23.04 16.45
CA GLU A 87 -12.39 -24.14 16.99
C GLU A 87 -11.91 -25.02 15.85
N ALA A 88 -10.62 -25.34 15.87
CA ALA A 88 -10.01 -26.17 14.84
C ALA A 88 -10.67 -27.55 14.66
N ARG A 89 -10.58 -28.07 13.45
CA ARG A 89 -11.16 -29.36 13.10
C ARG A 89 -10.42 -29.97 11.88
N ALA A 90 -10.18 -31.29 11.92
CA ALA A 90 -9.50 -31.99 10.82
C ALA A 90 -10.51 -32.58 9.83
N ASP A 91 -11.78 -32.41 10.15
CA ASP A 91 -12.88 -32.90 9.33
C ASP A 91 -13.36 -31.76 8.42
N HIS A 92 -12.78 -30.57 8.61
CA HIS A 92 -13.17 -29.35 7.88
C HIS A 92 -13.46 -29.41 6.39
N ALA A 93 -12.60 -30.06 5.62
CA ALA A 93 -12.82 -30.13 4.18
C ALA A 93 -14.10 -30.86 3.83
N HIS A 94 -14.31 -32.02 4.46
CA HIS A 94 -15.49 -32.86 4.23
C HIS A 94 -16.79 -32.13 4.55
N CYS A 95 -16.73 -31.28 5.58
CA CYS A 95 -17.89 -30.52 6.00
C CYS A 95 -18.42 -29.59 4.91
N CYS A 96 -17.53 -28.82 4.30
CA CYS A 96 -17.90 -27.89 3.23
C CYS A 96 -18.39 -28.62 1.99
N VAL A 97 -17.81 -29.78 1.70
CA VAL A 97 -18.23 -30.58 0.55
C VAL A 97 -19.66 -31.06 0.81
N GLU A 98 -19.87 -31.61 2.00
CA GLU A 98 -21.18 -32.09 2.40
C GLU A 98 -22.20 -30.96 2.46
N MET A 99 -21.71 -29.76 2.74
CA MET A 99 -22.55 -28.55 2.82
C MET A 99 -23.16 -28.28 1.45
N GLY A 100 -22.30 -28.18 0.43
CA GLY A 100 -22.76 -27.93 -0.92
C GLY A 100 -23.73 -29.01 -1.36
N MET A 101 -23.46 -30.24 -0.93
CA MET A 101 -24.31 -31.39 -1.27
C MET A 101 -25.75 -31.10 -0.86
N ASP A 102 -25.91 -30.64 0.38
CA ASP A 102 -27.22 -30.29 0.93
C ASP A 102 -27.79 -29.02 0.27
N MET A 103 -26.93 -28.03 0.02
CA MET A 103 -27.35 -26.78 -0.59
C MET A 103 -27.97 -26.99 -1.95
N ILE A 104 -27.18 -27.54 -2.87
CA ILE A 104 -27.62 -27.80 -4.24
C ILE A 104 -28.97 -28.48 -4.28
N GLU A 105 -29.19 -29.39 -3.34
CA GLU A 105 -30.45 -30.12 -3.27
C GLU A 105 -31.59 -29.21 -2.79
N ALA A 106 -31.27 -28.40 -1.79
CA ALA A 106 -32.23 -27.46 -1.22
C ALA A 106 -32.71 -26.45 -2.25
N ILE A 107 -31.79 -26.01 -3.11
CA ILE A 107 -32.09 -25.03 -4.15
C ILE A 107 -33.13 -25.60 -5.11
N SER A 108 -33.05 -26.90 -5.35
CA SER A 108 -33.98 -27.59 -6.25
C SER A 108 -35.36 -27.57 -5.67
N LEU A 109 -35.46 -27.88 -4.38
CA LEU A 109 -36.75 -27.90 -3.68
C LEU A 109 -37.46 -26.56 -3.79
N VAL A 110 -36.74 -25.50 -3.45
CA VAL A 110 -37.28 -24.14 -3.51
C VAL A 110 -37.75 -23.81 -4.93
N ARG A 111 -36.91 -24.12 -5.90
CA ARG A 111 -37.23 -23.88 -7.31
C ARG A 111 -38.46 -24.69 -7.72
N GLU A 112 -38.66 -25.84 -7.07
CA GLU A 112 -39.80 -26.71 -7.36
C GLU A 112 -41.07 -26.26 -6.66
N MET A 113 -40.97 -25.93 -5.38
CA MET A 113 -42.13 -25.49 -4.61
C MET A 113 -42.52 -24.04 -4.84
N THR A 114 -41.64 -23.28 -5.50
CA THR A 114 -41.89 -21.86 -5.74
C THR A 114 -42.16 -21.53 -7.20
N GLY A 115 -41.36 -22.09 -8.09
CA GLY A 115 -41.52 -21.83 -9.51
C GLY A 115 -40.42 -20.93 -10.06
N VAL A 116 -39.83 -20.12 -9.18
CA VAL A 116 -38.76 -19.22 -9.55
C VAL A 116 -37.55 -20.00 -10.06
N ASN A 117 -36.83 -19.40 -11.00
CA ASN A 117 -35.64 -20.00 -11.61
C ASN A 117 -34.35 -19.71 -10.82
N VAL A 118 -34.21 -20.35 -9.65
CA VAL A 118 -33.03 -20.16 -8.83
C VAL A 118 -32.01 -21.26 -9.07
N ASN A 119 -30.81 -20.86 -9.47
CA ASN A 119 -29.73 -21.79 -9.72
C ASN A 119 -28.48 -21.17 -9.14
N MET A 120 -27.67 -21.98 -8.46
CA MET A 120 -26.46 -21.48 -7.85
C MET A 120 -25.16 -22.24 -8.18
N ARG A 121 -24.06 -21.50 -8.17
CA ARG A 121 -22.73 -22.06 -8.40
C ARG A 121 -22.07 -22.16 -7.02
N VAL A 122 -21.28 -23.21 -6.81
CA VAL A 122 -20.63 -23.37 -5.52
C VAL A 122 -19.12 -23.39 -5.66
N GLY A 123 -18.41 -22.67 -4.79
CA GLY A 123 -16.96 -22.63 -4.87
C GLY A 123 -16.29 -22.96 -3.56
N ILE A 124 -15.23 -23.78 -3.59
CA ILE A 124 -14.52 -24.16 -2.37
C ILE A 124 -13.01 -24.11 -2.54
N HIS A 125 -12.31 -23.74 -1.48
CA HIS A 125 -10.85 -23.67 -1.43
C HIS A 125 -10.44 -23.73 0.05
N SER A 126 -9.22 -24.20 0.32
CA SER A 126 -8.76 -24.32 1.71
C SER A 126 -7.42 -23.63 1.97
N GLY A 127 -7.27 -23.08 3.16
CA GLY A 127 -6.03 -22.41 3.51
C GLY A 127 -6.15 -21.63 4.79
N ARG A 128 -5.41 -20.52 4.88
CA ARG A 128 -5.42 -19.66 6.08
C ARG A 128 -6.27 -18.43 5.87
N VAL A 129 -6.86 -17.91 6.95
CA VAL A 129 -7.72 -16.72 6.88
C VAL A 129 -7.62 -15.90 8.15
N HIS A 130 -7.86 -14.60 8.01
CA HIS A 130 -7.87 -13.69 9.14
C HIS A 130 -9.36 -13.47 9.36
N CYS A 131 -9.78 -13.31 10.61
CA CYS A 131 -11.19 -13.10 10.86
C CYS A 131 -11.44 -12.18 12.06
N GLY A 132 -12.60 -11.51 12.03
CA GLY A 132 -12.97 -10.61 13.08
C GLY A 132 -13.91 -9.56 12.56
N VAL A 133 -13.74 -8.33 13.03
CA VAL A 133 -14.57 -7.21 12.61
C VAL A 133 -13.72 -5.96 12.38
N LEU A 134 -14.31 -5.00 11.68
CA LEU A 134 -13.62 -3.74 11.37
C LEU A 134 -14.52 -2.52 11.67
N GLY A 135 -13.87 -1.39 11.91
CA GLY A 135 -14.59 -0.18 12.20
C GLY A 135 -15.10 -0.05 13.62
N LEU A 136 -15.99 0.93 13.84
CA LEU A 136 -16.56 1.20 15.14
C LEU A 136 -18.02 0.87 15.17
N ARG A 137 -18.74 1.28 14.15
CA ARG A 137 -20.18 1.08 14.08
C ARG A 137 -20.59 -0.12 13.24
N LYS A 138 -21.66 -0.78 13.69
CA LYS A 138 -22.25 -1.95 13.02
C LYS A 138 -21.28 -3.05 12.64
N TRP A 139 -20.78 -3.74 13.66
CA TRP A 139 -19.86 -4.86 13.47
C TRP A 139 -20.59 -6.06 12.83
N GLN A 140 -19.83 -6.81 12.03
CA GLN A 140 -20.32 -8.01 11.36
C GLN A 140 -19.10 -8.90 11.08
N PHE A 141 -19.05 -10.05 11.76
CA PHE A 141 -17.95 -11.01 11.62
C PHE A 141 -17.65 -11.32 10.16
N ASP A 142 -16.37 -11.25 9.80
CA ASP A 142 -15.96 -11.49 8.41
C ASP A 142 -14.60 -12.17 8.34
N VAL A 143 -14.18 -12.48 7.12
CA VAL A 143 -12.90 -13.13 6.86
C VAL A 143 -12.15 -12.45 5.71
N TRP A 144 -10.82 -12.47 5.77
CA TRP A 144 -9.99 -11.85 4.73
C TRP A 144 -8.68 -12.60 4.54
N SER A 145 -8.27 -12.76 3.28
CA SER A 145 -7.00 -13.38 2.89
C SER A 145 -7.03 -13.75 1.41
N ASN A 146 -5.86 -13.96 0.82
CA ASN A 146 -5.78 -14.35 -0.60
C ASN A 146 -6.54 -15.65 -0.83
N ASP A 147 -6.50 -16.52 0.17
CA ASP A 147 -7.18 -17.80 0.09
C ASP A 147 -8.68 -17.60 0.05
N VAL A 148 -9.15 -16.49 0.60
CA VAL A 148 -10.60 -16.19 0.59
C VAL A 148 -10.94 -15.59 -0.77
N THR A 149 -10.04 -14.75 -1.27
CA THR A 149 -10.24 -14.08 -2.56
C THR A 149 -10.38 -15.15 -3.63
N LEU A 150 -9.54 -16.17 -3.51
CA LEU A 150 -9.54 -17.29 -4.46
C LEU A 150 -10.82 -18.07 -4.40
N ALA A 151 -11.28 -18.36 -3.17
CA ALA A 151 -12.53 -19.11 -2.97
C ALA A 151 -13.66 -18.39 -3.67
N ASN A 152 -13.65 -17.06 -3.60
CA ASN A 152 -14.65 -16.22 -4.24
C ASN A 152 -14.58 -16.36 -5.76
N HIS A 153 -13.36 -16.50 -6.28
CA HIS A 153 -13.13 -16.67 -7.72
C HIS A 153 -13.51 -18.06 -8.21
N MET A 154 -13.51 -19.04 -7.32
CA MET A 154 -13.88 -20.41 -7.66
C MET A 154 -15.37 -20.44 -7.94
N GLU A 155 -16.12 -19.56 -7.26
CA GLU A 155 -17.56 -19.45 -7.42
C GLU A 155 -17.86 -18.83 -8.77
N ALA A 156 -17.07 -17.85 -9.16
CA ALA A 156 -17.24 -17.18 -10.45
C ALA A 156 -16.95 -18.15 -11.57
N GLY A 157 -15.90 -18.94 -11.39
CA GLY A 157 -15.52 -19.93 -12.38
C GLY A 157 -16.16 -21.29 -12.16
N GLY A 158 -17.23 -21.31 -11.37
CA GLY A 158 -17.92 -22.56 -11.07
C GLY A 158 -18.96 -22.89 -12.11
N LYS A 159 -19.70 -23.97 -11.87
CA LYS A 159 -20.74 -24.41 -12.79
C LYS A 159 -22.08 -24.61 -12.09
N ALA A 160 -23.14 -24.10 -12.71
CA ALA A 160 -24.49 -24.17 -12.17
C ALA A 160 -24.90 -25.56 -11.67
N GLY A 161 -25.24 -25.64 -10.39
CA GLY A 161 -25.66 -26.90 -9.81
C GLY A 161 -24.56 -27.94 -9.71
N ARG A 162 -23.33 -27.49 -9.46
CA ARG A 162 -22.18 -28.40 -9.34
C ARG A 162 -21.18 -27.83 -8.34
N ILE A 163 -20.37 -28.71 -7.72
CA ILE A 163 -19.38 -28.25 -6.75
C ILE A 163 -17.97 -28.13 -7.32
N HIS A 164 -17.49 -26.90 -7.44
CA HIS A 164 -16.17 -26.60 -7.99
C HIS A 164 -15.17 -26.46 -6.86
N ILE A 165 -14.08 -27.23 -6.91
CA ILE A 165 -13.05 -27.18 -5.86
C ILE A 165 -11.62 -27.09 -6.40
N THR A 166 -10.70 -26.62 -5.58
CA THR A 166 -9.30 -26.48 -5.97
C THR A 166 -8.53 -27.73 -5.59
N LYS A 167 -7.25 -27.78 -5.95
CA LYS A 167 -6.41 -28.93 -5.63
C LYS A 167 -6.08 -28.98 -4.14
N ALA A 168 -5.92 -27.81 -3.55
CA ALA A 168 -5.63 -27.70 -2.12
C ALA A 168 -6.76 -28.29 -1.26
N THR A 169 -8.00 -28.18 -1.74
CA THR A 169 -9.16 -28.70 -1.03
C THR A 169 -9.20 -30.21 -1.19
N LEU A 170 -8.85 -30.69 -2.38
CA LEU A 170 -8.83 -32.11 -2.67
C LEU A 170 -7.87 -32.90 -1.77
N SER A 171 -6.77 -32.25 -1.36
CA SER A 171 -5.79 -32.89 -0.50
C SER A 171 -6.29 -33.13 0.92
N TYR A 172 -7.31 -32.40 1.31
CA TYR A 172 -7.89 -32.56 2.64
C TYR A 172 -9.09 -33.50 2.60
N LEU A 173 -9.42 -33.99 1.40
CA LEU A 173 -10.57 -34.88 1.25
C LEU A 173 -10.24 -36.37 1.42
N ASN A 174 -8.95 -36.70 1.46
CA ASN A 174 -8.49 -38.08 1.63
C ASN A 174 -9.06 -39.10 0.66
N GLY A 175 -9.51 -38.62 -0.50
CA GLY A 175 -10.05 -39.48 -1.55
C GLY A 175 -11.37 -40.17 -1.28
N ASP A 176 -12.31 -39.45 -0.66
CA ASP A 176 -13.61 -40.03 -0.37
C ASP A 176 -14.62 -39.79 -1.49
N TYR A 177 -14.62 -38.57 -2.02
CA TYR A 177 -15.53 -38.21 -3.10
C TYR A 177 -14.83 -38.32 -4.44
N GLU A 178 -15.55 -38.79 -5.44
CA GLU A 178 -14.98 -38.92 -6.78
C GLU A 178 -15.06 -37.59 -7.53
N VAL A 179 -13.93 -37.16 -8.07
CA VAL A 179 -13.87 -35.90 -8.79
C VAL A 179 -13.53 -36.03 -10.27
N GLU A 180 -13.55 -34.90 -10.98
CA GLU A 180 -13.23 -34.83 -12.41
C GLU A 180 -12.65 -33.46 -12.76
N PRO A 181 -11.92 -33.34 -13.87
CA PRO A 181 -11.31 -32.08 -14.31
C PRO A 181 -12.34 -30.98 -14.48
N GLY A 182 -12.11 -29.87 -13.78
CA GLY A 182 -13.02 -28.74 -13.83
C GLY A 182 -12.76 -27.73 -14.92
N CYS A 183 -11.51 -27.69 -15.39
CA CYS A 183 -11.09 -26.75 -16.43
C CYS A 183 -11.39 -25.31 -16.02
N GLY A 184 -11.32 -25.05 -14.72
CA GLY A 184 -11.60 -23.72 -14.19
C GLY A 184 -10.71 -22.66 -14.77
N GLY A 185 -9.54 -23.06 -15.25
CA GLY A 185 -8.61 -22.12 -15.84
C GLY A 185 -9.18 -21.38 -17.04
N GLU A 186 -9.94 -22.11 -17.85
CA GLU A 186 -10.54 -21.53 -19.04
C GLU A 186 -11.82 -20.73 -18.83
N ARG A 187 -12.35 -20.75 -17.62
CA ARG A 187 -13.58 -20.02 -17.32
C ARG A 187 -13.37 -18.68 -16.58
N ASN A 188 -12.31 -18.60 -15.78
CA ASN A 188 -12.00 -17.41 -15.00
C ASN A 188 -10.53 -17.06 -15.13
N ALA A 189 -10.26 -15.80 -15.51
CA ALA A 189 -8.90 -15.29 -15.71
C ALA A 189 -8.00 -15.34 -14.49
N TYR A 190 -8.57 -15.16 -13.31
CA TYR A 190 -7.83 -15.19 -12.04
C TYR A 190 -7.25 -16.57 -11.79
N LEU A 191 -8.07 -17.59 -12.03
CA LEU A 191 -7.64 -18.99 -11.84
C LEU A 191 -6.49 -19.34 -12.78
N LYS A 192 -6.59 -18.89 -14.02
CA LYS A 192 -5.56 -19.15 -15.01
C LYS A 192 -4.27 -18.43 -14.65
N GLU A 193 -4.35 -17.10 -14.56
CA GLU A 193 -3.20 -16.25 -14.23
C GLU A 193 -2.45 -16.62 -12.96
N HIS A 194 -3.07 -17.40 -12.09
CA HIS A 194 -2.44 -17.83 -10.85
C HIS A 194 -2.10 -19.32 -10.82
N SER A 195 -2.22 -19.97 -11.96
CA SER A 195 -1.90 -21.39 -12.12
C SER A 195 -2.67 -22.35 -11.22
N ILE A 196 -4.00 -22.29 -11.26
CA ILE A 196 -4.83 -23.15 -10.40
C ILE A 196 -5.43 -24.38 -11.10
N GLU A 197 -5.46 -25.50 -10.38
CA GLU A 197 -6.02 -26.74 -10.88
C GLU A 197 -7.34 -27.00 -10.19
N THR A 198 -8.42 -26.93 -10.95
CA THR A 198 -9.76 -27.13 -10.41
C THR A 198 -10.35 -28.52 -10.65
N PHE A 199 -11.37 -28.89 -9.87
CA PHE A 199 -12.02 -30.19 -9.98
C PHE A 199 -13.51 -30.07 -9.70
N LEU A 200 -14.29 -31.03 -10.19
CA LEU A 200 -15.74 -31.05 -10.00
C LEU A 200 -16.18 -32.31 -9.27
N ILE A 201 -17.23 -32.20 -8.48
CA ILE A 201 -17.77 -33.33 -7.72
C ILE A 201 -18.80 -34.10 -8.54
N LEU A 202 -18.94 -35.39 -8.25
CA LEU A 202 -19.89 -36.25 -8.97
C LEU A 202 -21.22 -36.45 -8.21
N LEU B 8 -37.39 -12.46 11.83
CA LEU B 8 -38.21 -11.37 12.37
C LEU B 8 -39.24 -10.81 11.37
N TYR B 9 -39.34 -9.49 11.31
CA TYR B 9 -40.30 -8.82 10.43
C TYR B 9 -39.64 -7.91 9.38
N HIS B 10 -40.23 -7.91 8.18
CA HIS B 10 -39.74 -7.10 7.06
C HIS B 10 -40.65 -5.90 6.79
N GLN B 11 -40.19 -4.95 6.00
CA GLN B 11 -40.96 -3.76 5.68
C GLN B 11 -40.57 -3.13 4.33
N SER B 12 -41.57 -2.59 3.63
CA SER B 12 -41.34 -1.96 2.33
C SER B 12 -41.24 -0.44 2.43
N TYR B 13 -40.54 0.17 1.46
CA TYR B 13 -40.38 1.63 1.44
C TYR B 13 -40.63 2.19 0.04
N ASP B 14 -40.68 3.52 -0.09
CA ASP B 14 -40.92 4.17 -1.38
C ASP B 14 -39.75 4.97 -1.95
N CYS B 15 -39.11 5.78 -1.10
CA CYS B 15 -37.95 6.59 -1.53
C CYS B 15 -36.75 6.48 -0.63
N VAL B 16 -35.89 5.51 -0.90
CA VAL B 16 -34.67 5.29 -0.13
C VAL B 16 -33.50 5.57 -1.06
N CYS B 17 -32.44 6.16 -0.53
CA CYS B 17 -31.26 6.49 -1.34
C CYS B 17 -30.04 5.65 -0.95
N VAL B 18 -29.73 4.63 -1.76
CA VAL B 18 -28.59 3.74 -1.50
C VAL B 18 -27.27 4.28 -2.09
N MET B 19 -26.14 3.99 -1.46
CA MET B 19 -24.84 4.45 -1.92
C MET B 19 -23.74 3.42 -1.72
N PHE B 20 -22.99 3.14 -2.78
CA PHE B 20 -21.89 2.19 -2.71
C PHE B 20 -20.58 2.92 -2.98
N ALA B 21 -19.86 3.30 -1.92
CA ALA B 21 -18.57 3.99 -2.06
C ALA B 21 -17.41 2.98 -1.99
N SER B 22 -16.75 2.75 -3.12
CA SER B 22 -15.63 1.81 -3.17
C SER B 22 -14.25 2.43 -3.22
N ILE B 23 -13.24 1.62 -2.92
CA ILE B 23 -11.83 2.02 -2.95
C ILE B 23 -11.12 0.95 -3.79
N PRO B 24 -11.15 1.10 -5.14
CA PRO B 24 -10.59 0.15 -6.10
C PRO B 24 -9.13 -0.24 -5.87
N ASP B 25 -8.27 0.76 -5.65
CA ASP B 25 -6.85 0.54 -5.46
C ASP B 25 -6.42 -0.25 -4.22
N PHE B 26 -7.34 -0.52 -3.29
CA PHE B 26 -6.95 -1.25 -2.09
C PHE B 26 -6.52 -2.69 -2.35
N LYS B 27 -7.26 -3.41 -3.20
CA LYS B 27 -6.95 -4.81 -3.53
C LYS B 27 -5.52 -4.96 -3.99
N GLU B 28 -5.04 -3.94 -4.72
CA GLU B 28 -3.68 -3.87 -5.23
C GLU B 28 -2.70 -3.67 -4.07
N PHE B 29 -3.04 -2.76 -3.17
CA PHE B 29 -2.22 -2.44 -2.00
C PHE B 29 -2.11 -3.61 -1.01
N TYR B 30 -3.08 -4.51 -1.03
CA TYR B 30 -3.08 -5.65 -0.12
C TYR B 30 -2.09 -6.74 -0.50
N THR B 31 -1.15 -7.01 0.40
CA THR B 31 -0.13 -8.02 0.20
C THR B 31 -0.08 -8.99 1.37
N GLU B 32 0.61 -10.10 1.19
CA GLU B 32 0.74 -11.13 2.23
C GLU B 32 2.23 -11.47 2.36
N SER B 33 2.89 -10.91 3.37
CA SER B 33 4.32 -11.16 3.57
C SER B 33 4.69 -11.46 5.03
N ASP B 34 5.94 -11.83 5.22
CA ASP B 34 6.45 -12.16 6.55
C ASP B 34 6.72 -10.93 7.40
N VAL B 35 6.80 -9.77 6.77
CA VAL B 35 7.04 -8.52 7.50
C VAL B 35 5.73 -7.85 7.92
N ASN B 36 4.77 -7.77 7.00
CA ASN B 36 3.48 -7.16 7.30
C ASN B 36 2.55 -8.10 8.08
N LYS B 37 3.13 -9.19 8.60
CA LYS B 37 2.41 -10.20 9.39
C LYS B 37 1.25 -10.84 8.65
N GLU B 38 1.54 -11.45 7.51
CA GLU B 38 0.52 -12.13 6.70
C GLU B 38 -0.64 -11.25 6.28
N GLY B 39 -0.31 -10.01 5.94
CA GLY B 39 -1.34 -9.07 5.50
C GLY B 39 -2.14 -8.41 6.60
N LEU B 40 -1.73 -8.59 7.85
CA LEU B 40 -2.44 -7.99 8.97
C LEU B 40 -2.23 -6.47 9.01
N GLU B 41 -1.01 -6.03 8.79
CA GLU B 41 -0.72 -4.61 8.80
C GLU B 41 -1.56 -3.84 7.79
N CYS B 42 -1.80 -4.44 6.64
CA CYS B 42 -2.63 -3.80 5.63
C CYS B 42 -4.06 -3.64 6.19
N LEU B 43 -4.58 -4.72 6.79
CA LEU B 43 -5.91 -4.72 7.34
C LEU B 43 -6.04 -3.73 8.48
N ARG B 44 -4.91 -3.31 9.03
CA ARG B 44 -4.93 -2.34 10.12
C ARG B 44 -5.26 -0.95 9.56
N LEU B 45 -4.71 -0.64 8.39
CA LEU B 45 -4.95 0.64 7.77
C LEU B 45 -6.40 0.72 7.33
N LEU B 46 -6.92 -0.39 6.80
CA LEU B 46 -8.32 -0.43 6.37
C LEU B 46 -9.20 -0.17 7.56
N ASN B 47 -8.82 -0.71 8.70
CA ASN B 47 -9.59 -0.51 9.93
C ASN B 47 -9.69 0.99 10.25
N GLU B 48 -8.58 1.72 10.08
CA GLU B 48 -8.54 3.15 10.34
C GLU B 48 -9.51 3.89 9.42
N ILE B 49 -9.48 3.54 8.14
CA ILE B 49 -10.33 4.15 7.14
C ILE B 49 -11.81 3.99 7.46
N ILE B 50 -12.23 2.76 7.76
CA ILE B 50 -13.61 2.46 8.10
C ILE B 50 -14.01 3.23 9.35
N ALA B 51 -13.06 3.36 10.28
CA ALA B 51 -13.29 4.08 11.54
C ALA B 51 -13.65 5.54 11.31
N ASP B 52 -12.82 6.23 10.54
CA ASP B 52 -13.05 7.65 10.24
C ASP B 52 -14.29 7.90 9.43
N PHE B 53 -14.77 6.86 8.75
CA PHE B 53 -15.99 6.95 7.95
C PHE B 53 -17.16 6.75 8.89
N ASP B 54 -16.98 5.87 9.88
CA ASP B 54 -18.03 5.57 10.83
C ASP B 54 -18.30 6.71 11.80
N ASP B 55 -17.23 7.37 12.26
CA ASP B 55 -17.42 8.49 13.20
C ASP B 55 -18.04 9.73 12.55
N LEU B 56 -18.20 9.68 11.23
CA LEU B 56 -18.81 10.78 10.48
C LEU B 56 -20.31 10.78 10.74
N LEU B 57 -20.86 9.61 11.07
CA LEU B 57 -22.29 9.44 11.32
C LEU B 57 -22.77 10.22 12.54
N SER B 58 -21.83 10.70 13.35
CA SER B 58 -22.16 11.48 14.54
C SER B 58 -22.44 12.95 14.23
N LYS B 59 -21.90 13.45 13.13
CA LYS B 59 -22.11 14.83 12.71
C LYS B 59 -23.62 15.04 12.50
N PRO B 60 -24.19 16.06 13.18
CA PRO B 60 -25.61 16.41 13.14
C PRO B 60 -26.24 16.54 11.74
N LYS B 61 -25.45 16.97 10.77
CA LYS B 61 -25.96 17.11 9.41
C LYS B 61 -26.28 15.75 8.78
N PHE B 62 -25.66 14.70 9.30
CA PHE B 62 -25.83 13.33 8.80
C PHE B 62 -26.72 12.48 9.72
N SER B 63 -27.66 13.12 10.39
CA SER B 63 -28.57 12.45 11.32
C SER B 63 -29.42 11.35 10.68
N GLY B 64 -29.69 11.52 9.36
CA GLY B 64 -30.51 10.56 8.64
C GLY B 64 -29.78 9.46 7.89
N VAL B 65 -28.45 9.43 8.02
CA VAL B 65 -27.65 8.42 7.34
C VAL B 65 -27.60 7.12 8.15
N GLU B 66 -27.81 6.00 7.46
CA GLU B 66 -27.80 4.69 8.10
C GLU B 66 -26.78 3.76 7.45
N LYS B 67 -25.64 3.56 8.10
CA LYS B 67 -24.63 2.66 7.58
C LYS B 67 -25.23 1.26 7.59
N ILE B 68 -25.27 0.59 6.46
CA ILE B 68 -25.82 -0.74 6.38
C ILE B 68 -24.72 -1.79 6.67
N LYS B 69 -23.53 -1.56 6.14
CA LYS B 69 -22.41 -2.49 6.31
C LYS B 69 -21.25 -2.06 5.43
N THR B 70 -20.21 -2.91 5.41
CA THR B 70 -19.04 -2.68 4.58
C THR B 70 -18.77 -4.02 3.90
N ILE B 71 -18.66 -4.00 2.57
CA ILE B 71 -18.39 -5.19 1.79
C ILE B 71 -16.95 -5.11 1.34
N GLY B 72 -16.08 -5.91 1.94
CA GLY B 72 -14.69 -5.84 1.57
C GLY B 72 -14.17 -4.49 2.00
N SER B 73 -13.95 -3.60 1.03
CA SER B 73 -13.50 -2.25 1.32
C SER B 73 -14.51 -1.27 0.68
N THR B 74 -15.73 -1.75 0.46
CA THR B 74 -16.78 -0.94 -0.13
C THR B 74 -17.74 -0.54 0.96
N TYR B 75 -17.85 0.76 1.22
CA TYR B 75 -18.78 1.29 2.24
C TYR B 75 -20.19 1.47 1.65
N MET B 76 -21.18 0.82 2.26
CA MET B 76 -22.56 0.90 1.79
C MET B 76 -23.44 1.49 2.88
N ALA B 77 -24.23 2.50 2.51
CA ALA B 77 -25.13 3.20 3.45
C ALA B 77 -26.32 3.75 2.73
N ALA B 78 -27.31 4.24 3.48
CA ALA B 78 -28.53 4.77 2.87
C ALA B 78 -29.23 5.78 3.72
N THR B 79 -30.12 6.54 3.11
CA THR B 79 -30.91 7.58 3.82
C THR B 79 -32.39 7.44 3.48
N GLY B 80 -33.25 7.94 4.35
CA GLY B 80 -34.67 7.84 4.06
C GLY B 80 -35.38 6.73 4.81
N LEU B 81 -34.61 5.90 5.53
CA LEU B 81 -35.17 4.80 6.32
C LEU B 81 -35.89 5.27 7.59
N SER B 82 -35.59 6.49 8.03
CA SER B 82 -36.21 7.08 9.21
C SER B 82 -37.55 7.77 8.92
N ALA B 83 -37.96 7.77 7.65
CA ALA B 83 -39.23 8.39 7.24
C ALA B 83 -40.36 7.36 7.13
N ARG B 95 -39.84 19.77 -1.59
CA ARG B 95 -40.69 19.29 -0.50
C ARG B 95 -39.97 18.34 0.46
N GLN B 96 -39.63 17.18 -0.05
CA GLN B 96 -39.02 16.11 0.76
C GLN B 96 -37.73 15.46 0.21
N TYR B 97 -37.39 15.71 -1.03
CA TYR B 97 -36.21 15.11 -1.65
C TYR B 97 -34.83 15.36 -1.06
N MET B 98 -34.72 16.30 -0.12
CA MET B 98 -33.43 16.64 0.47
C MET B 98 -32.59 15.47 0.96
N HIS B 99 -33.22 14.35 1.33
CA HIS B 99 -32.49 13.20 1.84
C HIS B 99 -31.59 12.58 0.78
N ILE B 100 -31.96 12.76 -0.48
CA ILE B 100 -31.16 12.27 -1.60
C ILE B 100 -29.92 13.13 -1.73
N GLY B 101 -30.12 14.45 -1.60
CA GLY B 101 -29.03 15.40 -1.67
C GLY B 101 -28.08 15.20 -0.50
N THR B 102 -28.61 14.77 0.63
CA THR B 102 -27.81 14.52 1.82
C THR B 102 -26.84 13.36 1.59
N MET B 103 -27.32 12.33 0.87
CA MET B 103 -26.50 11.17 0.55
C MET B 103 -25.28 11.61 -0.26
N VAL B 104 -25.47 12.61 -1.12
CA VAL B 104 -24.38 13.15 -1.92
C VAL B 104 -23.41 13.89 -0.98
N GLU B 105 -23.97 14.69 -0.08
CA GLU B 105 -23.17 15.43 0.88
C GLU B 105 -22.30 14.52 1.72
N PHE B 106 -22.79 13.30 1.95
CA PHE B 106 -22.08 12.31 2.75
C PHE B 106 -20.91 11.76 1.95
N ALA B 107 -21.06 11.74 0.63
CA ALA B 107 -20.02 11.25 -0.24
C ALA B 107 -18.82 12.20 -0.25
N TYR B 108 -19.09 13.50 -0.32
CA TYR B 108 -18.03 14.50 -0.33
C TYR B 108 -17.25 14.43 0.96
N ALA B 109 -17.96 14.15 2.05
CA ALA B 109 -17.36 14.04 3.37
C ALA B 109 -16.40 12.85 3.46
N LEU B 110 -16.80 11.70 2.91
CA LEU B 110 -15.97 10.49 2.91
C LEU B 110 -14.65 10.77 2.18
N VAL B 111 -14.73 11.53 1.09
CA VAL B 111 -13.57 11.91 0.29
C VAL B 111 -12.63 12.81 1.12
N GLY B 112 -13.21 13.68 1.95
CA GLY B 112 -12.40 14.54 2.77
C GLY B 112 -11.67 13.70 3.79
N LYS B 113 -12.31 12.62 4.23
CA LYS B 113 -11.75 11.69 5.21
C LYS B 113 -10.71 10.79 4.60
N LEU B 114 -10.91 10.38 3.35
CA LEU B 114 -9.94 9.52 2.68
C LEU B 114 -8.69 10.31 2.30
N ASP B 115 -8.83 11.62 2.10
CA ASP B 115 -7.69 12.46 1.75
C ASP B 115 -6.75 12.62 2.94
N ALA B 116 -7.33 12.72 4.12
CA ALA B 116 -6.56 12.85 5.35
C ALA B 116 -5.73 11.58 5.58
N ILE B 117 -6.32 10.42 5.27
CA ILE B 117 -5.64 9.14 5.43
C ILE B 117 -4.43 9.10 4.49
N ASN B 118 -4.57 9.72 3.32
CA ASN B 118 -3.49 9.76 2.34
C ASN B 118 -2.31 10.58 2.80
N LYS B 119 -2.58 11.73 3.39
CA LYS B 119 -1.53 12.63 3.87
C LYS B 119 -0.71 11.98 4.99
N HIS B 120 -1.31 11.07 5.73
CA HIS B 120 -0.63 10.40 6.83
C HIS B 120 -0.05 9.01 6.54
N SER B 121 -0.51 8.35 5.47
CA SER B 121 -0.01 7.02 5.12
C SER B 121 0.90 7.04 3.90
N PHE B 122 1.02 8.22 3.28
CA PHE B 122 1.86 8.43 2.09
C PHE B 122 1.28 7.70 0.89
N ASN B 123 -0.06 7.70 0.78
CA ASN B 123 -0.76 7.03 -0.30
C ASN B 123 -1.52 7.97 -1.22
N ASP B 124 -2.26 7.37 -2.15
CA ASP B 124 -3.05 8.12 -3.12
C ASP B 124 -4.30 7.28 -3.40
N PHE B 125 -5.14 7.13 -2.38
CA PHE B 125 -6.35 6.34 -2.52
C PHE B 125 -7.47 7.24 -2.94
N LYS B 126 -8.25 6.81 -3.93
CA LYS B 126 -9.39 7.59 -4.41
C LYS B 126 -10.72 6.83 -4.33
N LEU B 127 -11.80 7.57 -4.12
CA LEU B 127 -13.12 7.00 -3.97
C LEU B 127 -13.99 6.99 -5.22
N ARG B 128 -14.71 5.89 -5.42
CA ARG B 128 -15.63 5.76 -6.55
C ARG B 128 -17.04 5.55 -5.95
N VAL B 129 -17.97 6.44 -6.27
CA VAL B 129 -19.32 6.37 -5.72
C VAL B 129 -20.44 6.01 -6.71
N GLY B 130 -21.47 5.39 -6.18
CA GLY B 130 -22.61 5.01 -6.97
C GLY B 130 -23.87 5.21 -6.15
N ILE B 131 -24.66 6.22 -6.51
CA ILE B 131 -25.91 6.53 -5.82
C ILE B 131 -27.14 6.34 -6.71
N ASN B 132 -28.20 5.80 -6.12
CA ASN B 132 -29.47 5.57 -6.80
C ASN B 132 -30.55 5.64 -5.72
N HIS B 133 -31.81 5.76 -6.14
CA HIS B 133 -32.91 5.84 -5.18
C HIS B 133 -34.17 5.17 -5.70
N GLY B 134 -35.01 4.68 -4.79
CA GLY B 134 -36.24 4.02 -5.18
C GLY B 134 -36.78 3.18 -4.05
N PRO B 135 -37.81 2.37 -4.32
CA PRO B 135 -38.42 1.49 -3.31
C PRO B 135 -37.58 0.25 -3.00
N VAL B 136 -37.46 -0.08 -1.71
CA VAL B 136 -36.69 -1.23 -1.26
C VAL B 136 -37.41 -1.92 -0.12
N ILE B 137 -36.83 -3.03 0.35
CA ILE B 137 -37.38 -3.80 1.45
C ILE B 137 -36.34 -3.76 2.55
N ALA B 138 -36.77 -3.67 3.80
CA ALA B 138 -35.82 -3.61 4.92
C ALA B 138 -36.13 -4.64 5.99
N GLY B 139 -35.09 -5.28 6.52
CA GLY B 139 -35.29 -6.28 7.56
C GLY B 139 -34.16 -7.25 7.72
N VAL B 140 -34.43 -8.35 8.43
CA VAL B 140 -33.47 -9.42 8.70
C VAL B 140 -33.87 -10.64 7.88
N ILE B 141 -32.94 -11.57 7.70
CA ILE B 141 -33.20 -12.77 6.92
C ILE B 141 -32.39 -13.94 7.49
N GLY B 142 -32.70 -15.16 7.03
CA GLY B 142 -31.99 -16.34 7.50
C GLY B 142 -32.41 -16.84 8.88
N ALA B 143 -31.45 -17.37 9.64
CA ALA B 143 -31.72 -17.90 10.98
C ALA B 143 -30.60 -17.65 12.00
N GLN B 144 -29.37 -17.51 11.52
CA GLN B 144 -28.22 -17.30 12.40
C GLN B 144 -28.18 -15.99 13.22
N LYS B 145 -27.97 -14.86 12.55
CA LYS B 145 -27.89 -13.58 13.26
C LYS B 145 -28.90 -12.51 12.86
N PRO B 146 -29.16 -11.57 13.77
CA PRO B 146 -30.09 -10.45 13.58
C PRO B 146 -29.43 -9.30 12.82
N GLN B 147 -29.12 -9.51 11.55
CA GLN B 147 -28.49 -8.48 10.75
C GLN B 147 -29.46 -7.73 9.86
N TYR B 148 -29.55 -6.43 10.10
CA TYR B 148 -30.43 -5.55 9.31
C TYR B 148 -29.80 -5.31 7.93
N ASP B 149 -30.61 -5.48 6.90
CA ASP B 149 -30.14 -5.30 5.54
C ASP B 149 -31.29 -4.86 4.66
N ILE B 150 -31.01 -4.39 3.45
CA ILE B 150 -32.05 -3.94 2.55
C ILE B 150 -31.97 -4.66 1.21
N TRP B 151 -33.12 -4.91 0.58
CA TRP B 151 -33.18 -5.60 -0.70
C TRP B 151 -34.06 -4.88 -1.70
N GLY B 152 -33.83 -5.15 -2.98
CA GLY B 152 -34.63 -4.52 -4.02
C GLY B 152 -33.79 -4.25 -5.25
N ASN B 153 -34.45 -3.85 -6.34
CA ASN B 153 -33.79 -3.54 -7.60
C ASN B 153 -32.93 -2.30 -7.42
N THR B 154 -33.44 -1.36 -6.63
CA THR B 154 -32.74 -0.11 -6.35
C THR B 154 -31.32 -0.37 -5.84
N VAL B 155 -31.18 -1.37 -4.99
CA VAL B 155 -29.87 -1.72 -4.45
C VAL B 155 -28.99 -2.35 -5.51
N ASN B 156 -29.59 -3.17 -6.38
CA ASN B 156 -28.85 -3.85 -7.45
C ASN B 156 -28.28 -2.82 -8.42
N VAL B 157 -29.12 -1.86 -8.82
CA VAL B 157 -28.73 -0.81 -9.74
C VAL B 157 -27.72 0.12 -9.10
N ALA B 158 -27.90 0.44 -7.81
CA ALA B 158 -26.96 1.32 -7.09
C ALA B 158 -25.55 0.78 -7.17
N SER B 159 -25.42 -0.53 -6.97
CA SER B 159 -24.13 -1.22 -7.00
C SER B 159 -23.49 -1.14 -8.37
N ARG B 160 -24.30 -1.26 -9.42
CA ARG B 160 -23.79 -1.17 -10.79
C ARG B 160 -23.28 0.22 -11.06
N MET B 161 -23.92 1.21 -10.44
CA MET B 161 -23.52 2.62 -10.58
C MET B 161 -22.14 2.87 -9.97
N ASP B 162 -21.65 1.91 -9.20
CA ASP B 162 -20.35 2.00 -8.57
C ASP B 162 -19.36 1.11 -9.33
N SER B 163 -19.76 -0.11 -9.63
CA SER B 163 -18.87 -1.05 -10.33
C SER B 163 -18.49 -0.60 -11.75
N THR B 164 -19.24 0.37 -12.30
CA THR B 164 -18.98 0.88 -13.65
C THR B 164 -18.65 2.36 -13.59
N GLY B 165 -18.33 2.85 -12.39
CA GLY B 165 -18.00 4.26 -12.22
C GLY B 165 -16.56 4.66 -12.48
N VAL B 166 -16.28 5.95 -12.31
CA VAL B 166 -14.95 6.50 -12.54
C VAL B 166 -14.42 7.07 -11.24
N LEU B 167 -13.11 6.98 -11.02
CA LEU B 167 -12.47 7.50 -9.81
C LEU B 167 -12.78 9.00 -9.56
N ASP B 168 -12.96 9.38 -8.30
CA ASP B 168 -13.27 10.76 -7.94
C ASP B 168 -14.60 11.26 -8.48
N LYS B 169 -15.45 10.35 -8.93
CA LYS B 169 -16.75 10.73 -9.48
C LYS B 169 -17.92 10.07 -8.75
N ILE B 170 -19.07 10.72 -8.82
CA ILE B 170 -20.29 10.19 -8.22
C ILE B 170 -21.24 9.87 -9.36
N GLN B 171 -21.36 8.59 -9.68
CA GLN B 171 -22.25 8.18 -10.78
C GLN B 171 -23.66 7.95 -10.28
N VAL B 172 -24.61 8.60 -10.93
CA VAL B 172 -26.02 8.48 -10.57
C VAL B 172 -26.90 8.11 -11.77
N THR B 173 -28.01 7.46 -11.50
CA THR B 173 -28.93 7.07 -12.57
C THR B 173 -29.68 8.31 -13.08
N GLU B 174 -30.49 8.12 -14.12
CA GLU B 174 -31.24 9.22 -14.69
C GLU B 174 -32.24 9.84 -13.73
N GLU B 175 -33.15 9.03 -13.19
CA GLU B 175 -34.16 9.53 -12.29
C GLU B 175 -33.56 10.29 -11.11
N THR B 176 -32.44 9.80 -10.60
CA THR B 176 -31.79 10.46 -9.47
C THR B 176 -31.25 11.81 -9.91
N SER B 177 -30.75 11.85 -11.14
CA SER B 177 -30.18 13.05 -11.73
C SER B 177 -31.16 14.20 -11.72
N LEU B 178 -32.42 13.93 -12.04
CA LEU B 178 -33.47 14.95 -12.07
C LEU B 178 -33.70 15.52 -10.67
N ILE B 179 -33.84 14.63 -9.70
CA ILE B 179 -34.05 15.02 -8.31
C ILE B 179 -32.92 15.91 -7.82
N LEU B 180 -31.69 15.51 -8.11
CA LEU B 180 -30.52 16.27 -7.68
C LEU B 180 -30.48 17.64 -8.34
N GLN B 181 -31.02 17.74 -9.55
CA GLN B 181 -31.05 19.00 -10.30
C GLN B 181 -32.06 19.98 -9.73
N THR B 182 -33.19 19.46 -9.24
CA THR B 182 -34.23 20.31 -8.65
C THR B 182 -33.72 20.93 -7.35
N LEU B 183 -32.85 20.21 -6.65
CA LEU B 183 -32.27 20.64 -5.39
C LEU B 183 -31.14 21.68 -5.57
N GLY B 184 -30.74 21.95 -6.81
CA GLY B 184 -29.69 22.93 -7.06
C GLY B 184 -28.36 22.37 -7.53
N TYR B 185 -28.31 21.08 -7.84
CA TYR B 185 -27.07 20.46 -8.30
C TYR B 185 -26.95 20.49 -9.83
N THR B 186 -25.77 20.16 -10.34
CA THR B 186 -25.52 20.15 -11.77
C THR B 186 -25.02 18.75 -12.15
N CYS B 187 -25.47 18.25 -13.30
CA CYS B 187 -25.06 16.92 -13.78
C CYS B 187 -24.50 16.88 -15.18
N THR B 188 -23.87 15.76 -15.53
CA THR B 188 -23.27 15.58 -16.86
C THR B 188 -23.52 14.16 -17.34
N CYS B 189 -24.05 14.02 -18.55
CA CYS B 189 -24.35 12.73 -19.14
C CYS B 189 -23.09 11.94 -19.40
N ARG B 190 -23.06 10.70 -18.91
CA ARG B 190 -21.92 9.79 -19.07
C ARG B 190 -22.14 8.99 -20.35
N GLY B 191 -23.38 8.99 -20.84
CA GLY B 191 -23.71 8.27 -22.04
C GLY B 191 -24.54 7.05 -21.71
N ILE B 192 -24.75 6.19 -22.70
CA ILE B 192 -25.53 4.98 -22.52
C ILE B 192 -24.59 3.80 -22.32
N ILE B 193 -24.72 3.11 -21.18
CA ILE B 193 -23.91 1.94 -20.90
C ILE B 193 -24.74 0.69 -20.66
N ASN B 194 -24.32 -0.41 -21.26
CA ASN B 194 -25.01 -1.68 -21.11
C ASN B 194 -24.65 -2.32 -19.78
N VAL B 195 -25.60 -2.29 -18.84
CA VAL B 195 -25.41 -2.86 -17.51
C VAL B 195 -25.80 -4.33 -17.49
N LYS B 196 -25.07 -5.13 -16.70
CA LYS B 196 -25.30 -6.57 -16.58
C LYS B 196 -26.70 -6.87 -16.06
N GLY B 197 -27.48 -7.58 -16.88
CA GLY B 197 -28.84 -7.92 -16.50
C GLY B 197 -29.89 -6.82 -16.70
N LYS B 198 -29.43 -5.57 -16.79
CA LYS B 198 -30.34 -4.43 -16.98
C LYS B 198 -30.41 -4.00 -18.43
N GLY B 199 -29.24 -3.86 -19.05
CA GLY B 199 -29.17 -3.44 -20.42
C GLY B 199 -28.72 -2.01 -20.55
N ASP B 200 -29.26 -1.31 -21.55
CA ASP B 200 -28.90 0.08 -21.80
C ASP B 200 -29.50 1.10 -20.84
N LEU B 201 -28.65 1.58 -19.93
CA LEU B 201 -29.05 2.59 -18.95
C LEU B 201 -28.28 3.89 -19.21
N LYS B 202 -28.98 5.02 -19.13
CA LYS B 202 -28.34 6.31 -19.34
C LYS B 202 -27.90 6.84 -17.97
N THR B 203 -26.61 7.00 -17.76
CA THR B 203 -26.08 7.48 -16.48
C THR B 203 -25.59 8.93 -16.48
N TYR B 204 -25.27 9.44 -15.30
CA TYR B 204 -24.80 10.82 -15.15
C TYR B 204 -23.70 10.97 -14.10
N PHE B 205 -23.02 12.11 -14.12
CA PHE B 205 -21.95 12.42 -13.16
C PHE B 205 -22.29 13.74 -12.49
N VAL B 206 -21.90 13.88 -11.22
CA VAL B 206 -22.19 15.09 -10.46
C VAL B 206 -21.03 16.10 -10.57
N ASN B 207 -21.39 17.38 -10.73
CA ASN B 207 -20.41 18.45 -10.87
C ASN B 207 -20.05 19.15 -9.57
N THR B 208 -18.76 19.26 -9.32
CA THR B 208 -18.24 19.92 -8.12
C THR B 208 -17.53 21.24 -8.47
N ALA C 39 14.39 -9.24 25.46
CA ALA C 39 14.26 -7.84 25.12
C ALA C 39 14.62 -7.59 23.67
N THR C 40 13.64 -7.18 22.87
CA THR C 40 13.83 -6.89 21.44
C THR C 40 13.42 -5.45 21.06
N HIS C 41 14.24 -4.82 20.24
CA HIS C 41 13.99 -3.46 19.79
C HIS C 41 13.70 -3.42 18.29
N ARG C 42 12.50 -2.95 17.93
CA ARG C 42 12.13 -2.84 16.53
C ARG C 42 12.44 -1.42 16.02
N LEU C 43 13.53 -1.31 15.26
CA LEU C 43 13.98 -0.04 14.70
C LEU C 43 13.58 0.14 13.23
N LEU C 44 13.14 1.35 12.88
CA LEU C 44 12.71 1.65 11.51
C LEU C 44 13.50 2.79 10.92
N LEU C 45 14.00 2.58 9.70
CA LEU C 45 14.80 3.57 9.01
C LEU C 45 13.99 4.33 7.96
N LEU C 46 13.91 5.65 8.12
CA LEU C 46 13.17 6.50 7.19
C LEU C 46 14.04 7.61 6.62
N GLY C 47 13.53 8.30 5.60
CA GLY C 47 14.29 9.37 4.97
C GLY C 47 14.13 9.28 3.47
N ALA C 48 14.42 10.38 2.77
CA ALA C 48 14.30 10.43 1.30
C ALA C 48 15.22 9.43 0.57
N GLY C 49 15.05 9.34 -0.74
CA GLY C 49 15.86 8.44 -1.53
C GLY C 49 17.31 8.86 -1.66
N GLU C 50 18.21 7.89 -1.55
CA GLU C 50 19.65 8.13 -1.65
C GLU C 50 20.27 8.85 -0.45
N SER C 51 19.58 8.85 0.69
CA SER C 51 20.10 9.51 1.89
C SER C 51 21.09 8.65 2.66
N GLY C 52 21.26 7.39 2.24
CA GLY C 52 22.19 6.50 2.90
C GLY C 52 21.63 5.54 3.93
N LYS C 53 20.37 5.14 3.78
CA LYS C 53 19.75 4.21 4.72
C LYS C 53 20.31 2.78 4.64
N SER C 54 20.36 2.25 3.42
CA SER C 54 20.86 0.90 3.19
C SER C 54 22.32 0.76 3.62
N THR C 55 23.07 1.86 3.58
CA THR C 55 24.48 1.86 3.99
C THR C 55 24.58 1.66 5.50
N ILE C 56 23.59 2.18 6.24
CA ILE C 56 23.56 2.05 7.69
C ILE C 56 23.36 0.60 8.08
N VAL C 57 22.39 -0.06 7.45
CA VAL C 57 22.11 -1.46 7.74
C VAL C 57 23.34 -2.32 7.42
N LYS C 58 24.01 -1.97 6.33
CA LYS C 58 25.22 -2.67 5.93
C LYS C 58 26.25 -2.54 7.04
N GLN C 59 26.40 -1.34 7.60
CA GLN C 59 27.33 -1.13 8.70
C GLN C 59 27.02 -1.99 9.92
N MET C 60 25.74 -2.29 10.16
CA MET C 60 25.34 -3.14 11.28
C MET C 60 25.86 -4.55 11.05
N ARG C 61 25.79 -5.01 9.79
CA ARG C 61 26.27 -6.33 9.41
C ARG C 61 27.77 -6.45 9.72
N ILE C 62 28.54 -5.45 9.26
CA ILE C 62 29.98 -5.39 9.45
C ILE C 62 30.40 -5.35 10.91
N LEU C 63 29.66 -4.57 11.70
CA LEU C 63 29.97 -4.42 13.11
C LEU C 63 29.40 -5.48 14.05
N HIS C 64 28.15 -5.89 13.82
CA HIS C 64 27.50 -6.84 14.72
C HIS C 64 27.11 -8.22 14.20
N VAL C 65 26.95 -8.37 12.89
CA VAL C 65 26.57 -9.67 12.34
C VAL C 65 27.76 -10.36 11.65
N GLY C 86 31.81 -14.28 0.81
CA GLY C 86 30.72 -15.23 0.62
C GLY C 86 29.77 -14.81 -0.49
N GLU C 87 29.16 -13.64 -0.34
CA GLU C 87 28.22 -13.11 -1.32
C GLU C 87 28.90 -12.06 -2.21
N LYS C 88 30.17 -11.80 -1.93
CA LYS C 88 30.96 -10.80 -2.67
C LYS C 88 31.00 -10.91 -4.20
N ALA C 89 31.14 -12.13 -4.72
CA ALA C 89 31.20 -12.35 -6.16
C ALA C 89 29.93 -11.88 -6.87
N THR C 90 28.80 -12.00 -6.16
CA THR C 90 27.51 -11.60 -6.68
C THR C 90 27.40 -10.07 -6.74
N LYS C 91 28.17 -9.41 -5.88
CA LYS C 91 28.20 -7.95 -5.81
C LYS C 91 29.12 -7.26 -6.81
N VAL C 92 30.12 -7.98 -7.31
CA VAL C 92 31.05 -7.42 -8.27
C VAL C 92 30.31 -6.89 -9.49
N GLN C 93 29.32 -7.65 -9.94
CA GLN C 93 28.52 -7.27 -11.09
C GLN C 93 27.84 -5.94 -10.86
N ASP C 94 27.49 -5.70 -9.60
CA ASP C 94 26.82 -4.46 -9.20
C ASP C 94 27.76 -3.25 -9.16
N ILE C 95 28.98 -3.48 -8.68
CA ILE C 95 29.99 -2.43 -8.61
C ILE C 95 30.36 -1.97 -10.02
N LYS C 96 30.42 -2.92 -10.94
CA LYS C 96 30.76 -2.60 -12.32
C LYS C 96 29.68 -1.77 -13.01
N ASN C 97 28.43 -2.02 -12.61
CA ASN C 97 27.30 -1.29 -13.18
C ASN C 97 27.37 0.17 -12.74
N ASN C 98 27.73 0.37 -11.48
CA ASN C 98 27.86 1.72 -10.93
C ASN C 98 28.96 2.47 -11.67
N LEU C 99 30.03 1.75 -12.00
CA LEU C 99 31.15 2.34 -12.71
C LEU C 99 30.71 2.78 -14.11
N LYS C 100 29.92 1.95 -14.76
CA LYS C 100 29.44 2.26 -16.11
C LYS C 100 28.42 3.37 -16.05
N GLU C 101 27.49 3.25 -15.12
CA GLU C 101 26.41 4.21 -14.92
C GLU C 101 26.96 5.62 -14.67
N ALA C 102 28.04 5.70 -13.90
CA ALA C 102 28.64 6.96 -13.54
C ALA C 102 29.28 7.66 -14.72
N ILE C 103 30.04 6.90 -15.51
CA ILE C 103 30.75 7.45 -16.67
C ILE C 103 29.84 7.91 -17.79
N GLU C 104 28.82 7.12 -18.10
CA GLU C 104 27.88 7.45 -19.17
C GLU C 104 27.00 8.66 -18.85
N THR C 105 26.78 8.91 -17.56
CA THR C 105 25.97 10.03 -17.10
C THR C 105 26.73 11.36 -17.22
N ILE C 106 27.98 11.38 -16.77
CA ILE C 106 28.81 12.57 -16.83
C ILE C 106 28.98 13.00 -18.29
N VAL C 107 29.42 12.06 -19.10
CA VAL C 107 29.66 12.27 -20.52
C VAL C 107 28.43 12.75 -21.32
N ALA C 108 27.25 12.19 -20.98
CA ALA C 108 26.00 12.55 -21.65
C ALA C 108 25.50 13.96 -21.32
N ALA C 109 25.88 14.47 -20.16
CA ALA C 109 25.46 15.80 -19.72
C ALA C 109 26.31 16.95 -20.22
N MET C 110 27.52 16.63 -20.72
CA MET C 110 28.44 17.65 -21.22
C MET C 110 27.87 18.62 -22.26
N SER C 111 27.06 18.09 -23.17
CA SER C 111 26.48 18.91 -24.23
C SER C 111 25.13 19.56 -23.86
N ASN C 112 24.49 19.06 -22.80
CA ASN C 112 23.20 19.58 -22.38
C ASN C 112 23.24 20.65 -21.31
N LEU C 113 24.42 21.04 -20.83
CA LEU C 113 24.51 22.07 -19.81
C LEU C 113 24.47 23.48 -20.41
N VAL C 114 24.36 24.49 -19.55
CA VAL C 114 24.29 25.89 -20.00
C VAL C 114 25.18 26.78 -19.13
N PRO C 115 26.36 27.16 -19.65
CA PRO C 115 26.92 26.82 -20.97
C PRO C 115 27.45 25.38 -21.04
N PRO C 116 27.53 24.82 -22.27
CA PRO C 116 28.03 23.46 -22.50
C PRO C 116 29.52 23.35 -22.19
N VAL C 117 29.96 22.16 -21.81
CA VAL C 117 31.37 21.93 -21.49
C VAL C 117 32.07 21.28 -22.68
N GLU C 118 33.25 21.80 -23.00
CA GLU C 118 34.04 21.31 -24.13
C GLU C 118 35.22 20.45 -23.71
N LEU C 119 35.47 19.40 -24.49
CA LEU C 119 36.57 18.47 -24.23
C LEU C 119 37.93 19.16 -24.37
N ALA C 120 38.91 18.67 -23.62
CA ALA C 120 40.25 19.22 -23.67
C ALA C 120 41.10 18.49 -24.71
N ASN C 121 40.58 17.37 -25.23
CA ASN C 121 41.27 16.54 -26.21
C ASN C 121 40.28 15.99 -27.25
N PRO C 122 40.39 16.45 -28.51
CA PRO C 122 39.52 16.02 -29.61
C PRO C 122 39.58 14.53 -29.85
N GLU C 123 40.64 13.91 -29.34
CA GLU C 123 40.84 12.46 -29.47
C GLU C 123 39.73 11.75 -28.72
N ASN C 124 39.40 12.31 -27.55
CA ASN C 124 38.37 11.76 -26.69
C ASN C 124 36.98 11.72 -27.26
N GLN C 125 36.70 12.54 -28.27
CA GLN C 125 35.38 12.58 -28.90
C GLN C 125 34.97 11.20 -29.44
N PHE C 126 35.99 10.42 -29.80
CA PHE C 126 35.76 9.08 -30.32
C PHE C 126 35.37 8.14 -29.19
N ARG C 127 36.01 8.31 -28.04
CA ARG C 127 35.70 7.49 -26.88
C ARG C 127 34.29 7.84 -26.35
N VAL C 128 33.91 9.09 -26.51
CA VAL C 128 32.60 9.57 -26.08
C VAL C 128 31.56 8.86 -26.90
N ASP C 129 31.81 8.78 -28.21
CA ASP C 129 30.89 8.10 -29.11
C ASP C 129 30.74 6.63 -28.76
N TYR C 130 31.85 6.01 -28.33
CA TYR C 130 31.85 4.61 -27.94
C TYR C 130 30.90 4.42 -26.75
N ILE C 131 31.15 5.20 -25.70
CA ILE C 131 30.36 5.15 -24.47
C ILE C 131 28.85 5.24 -24.73
N LEU C 132 28.44 6.22 -25.54
CA LEU C 132 27.03 6.42 -25.86
C LEU C 132 26.46 5.28 -26.69
N SER C 133 27.31 4.69 -27.54
CA SER C 133 26.91 3.58 -28.38
C SER C 133 26.51 2.34 -27.57
N VAL C 134 27.22 2.10 -26.46
CA VAL C 134 26.97 0.95 -25.61
C VAL C 134 26.20 1.28 -24.32
N MET C 135 25.59 2.46 -24.28
CA MET C 135 24.86 2.92 -23.11
C MET C 135 23.67 2.04 -22.69
N ASN C 136 22.68 1.92 -23.56
CA ASN C 136 21.49 1.14 -23.25
C ASN C 136 21.53 -0.32 -23.66
N VAL C 137 22.69 -0.97 -23.53
CA VAL C 137 22.84 -2.37 -23.89
C VAL C 137 22.50 -3.25 -22.69
N PRO C 138 21.60 -4.24 -22.87
CA PRO C 138 21.16 -5.17 -21.82
C PRO C 138 22.31 -5.92 -21.12
N ASP C 139 22.71 -7.06 -21.68
CA ASP C 139 23.78 -7.88 -21.10
C ASP C 139 25.15 -7.39 -21.58
N PHE C 140 25.74 -6.47 -20.83
CA PHE C 140 27.06 -5.93 -21.17
C PHE C 140 28.14 -6.77 -20.53
N ASP C 141 28.98 -7.38 -21.36
CA ASP C 141 30.06 -8.26 -20.90
C ASP C 141 31.33 -7.58 -20.39
N PHE C 142 31.39 -6.27 -20.50
CA PHE C 142 32.55 -5.50 -20.03
C PHE C 142 33.90 -5.92 -20.60
N PRO C 143 34.12 -5.69 -21.90
CA PRO C 143 35.41 -6.06 -22.52
C PRO C 143 36.50 -5.13 -22.00
N PRO C 144 37.78 -5.57 -22.09
CA PRO C 144 38.91 -4.78 -21.58
C PRO C 144 39.08 -3.40 -22.19
N GLU C 145 38.45 -3.17 -23.36
CA GLU C 145 38.52 -1.86 -24.04
C GLU C 145 37.73 -0.82 -23.25
N PHE C 146 36.58 -1.26 -22.73
CA PHE C 146 35.67 -0.44 -21.94
C PHE C 146 36.36 0.27 -20.77
N TYR C 147 37.23 -0.45 -20.07
CA TYR C 147 37.93 0.12 -18.93
C TYR C 147 38.98 1.13 -19.36
N GLU C 148 39.55 0.93 -20.54
CA GLU C 148 40.55 1.83 -21.07
C GLU C 148 39.89 3.14 -21.44
N HIS C 149 38.80 3.05 -22.20
CA HIS C 149 38.04 4.22 -22.65
C HIS C 149 37.51 5.01 -21.46
N ALA C 150 37.03 4.28 -20.47
CA ALA C 150 36.50 4.91 -19.27
C ALA C 150 37.57 5.73 -18.57
N LYS C 151 38.73 5.11 -18.38
CA LYS C 151 39.87 5.73 -17.72
C LYS C 151 40.41 6.95 -18.45
N ALA C 152 40.41 6.90 -19.78
CA ALA C 152 40.90 8.01 -20.59
C ALA C 152 40.05 9.29 -20.39
N LEU C 153 38.73 9.13 -20.51
CA LEU C 153 37.79 10.23 -20.36
C LEU C 153 37.89 10.82 -18.97
N TRP C 154 37.99 9.97 -17.97
CA TRP C 154 38.07 10.41 -16.58
C TRP C 154 39.27 11.29 -16.30
N GLU C 155 40.27 11.25 -17.16
CA GLU C 155 41.46 12.06 -16.97
C GLU C 155 41.45 13.32 -17.85
N ASP C 156 40.39 13.47 -18.63
CA ASP C 156 40.22 14.62 -19.51
C ASP C 156 39.68 15.77 -18.66
N GLU C 157 40.23 16.97 -18.84
CA GLU C 157 39.81 18.15 -18.08
C GLU C 157 38.37 18.57 -18.36
N GLY C 158 37.97 18.47 -19.61
CA GLY C 158 36.60 18.83 -19.98
C GLY C 158 35.63 17.94 -19.21
N VAL C 159 35.89 16.63 -19.22
CA VAL C 159 35.06 15.65 -18.52
C VAL C 159 35.08 15.92 -17.03
N ARG C 160 36.25 16.32 -16.51
CA ARG C 160 36.41 16.60 -15.09
C ARG C 160 35.72 17.88 -14.65
N ALA C 161 35.74 18.91 -15.48
CA ALA C 161 35.07 20.18 -15.16
C ALA C 161 33.55 19.97 -15.13
N CYS C 162 33.06 19.07 -15.98
CA CYS C 162 31.65 18.74 -16.04
C CYS C 162 31.25 18.07 -14.73
N TYR C 163 32.19 17.34 -14.14
CA TYR C 163 31.97 16.64 -12.88
C TYR C 163 31.78 17.67 -11.76
N GLU C 164 32.51 18.77 -11.85
CA GLU C 164 32.42 19.85 -10.86
C GLU C 164 31.00 20.38 -10.76
N ARG C 165 30.33 20.52 -11.91
CA ARG C 165 28.95 21.01 -11.98
C ARG C 165 27.91 19.89 -11.97
N SER C 166 28.23 18.79 -11.30
CA SER C 166 27.36 17.63 -11.21
C SER C 166 26.06 17.83 -10.45
N ASN C 167 25.95 18.94 -9.75
CA ASN C 167 24.73 19.24 -9.00
C ASN C 167 23.60 19.66 -9.94
N GLU C 168 23.98 20.02 -11.16
CA GLU C 168 23.06 20.45 -12.19
C GLU C 168 22.27 19.31 -12.86
N TYR C 169 22.76 18.08 -12.72
CA TYR C 169 22.07 16.92 -13.27
C TYR C 169 21.97 15.81 -12.22
N GLN C 170 21.72 14.58 -12.64
CA GLN C 170 21.62 13.47 -11.69
C GLN C 170 22.81 12.50 -11.72
N LEU C 171 23.63 12.53 -10.68
CA LEU C 171 24.79 11.65 -10.61
C LEU C 171 24.91 10.95 -9.25
N ILE C 172 25.19 9.64 -9.30
CA ILE C 172 25.36 8.81 -8.11
C ILE C 172 26.55 9.26 -7.26
N ASP C 173 26.46 9.01 -5.96
CA ASP C 173 27.50 9.43 -5.03
C ASP C 173 28.84 8.69 -5.10
N CYS C 174 28.80 7.42 -5.46
CA CYS C 174 30.01 6.60 -5.55
C CYS C 174 30.80 6.81 -6.84
N ALA C 175 30.44 7.85 -7.58
CA ALA C 175 31.09 8.18 -8.84
C ALA C 175 32.61 8.30 -8.75
N GLN C 176 33.07 9.42 -8.18
CA GLN C 176 34.51 9.71 -8.03
C GLN C 176 35.31 8.59 -7.39
N TYR C 177 34.68 7.82 -6.50
CA TYR C 177 35.35 6.72 -5.82
C TYR C 177 35.67 5.59 -6.78
N PHE C 178 34.69 5.16 -7.56
CA PHE C 178 34.88 4.06 -8.50
C PHE C 178 35.72 4.42 -9.72
N LEU C 179 35.58 5.66 -10.19
CA LEU C 179 36.34 6.14 -11.35
C LEU C 179 37.83 6.29 -10.99
N ASP C 180 38.13 6.49 -9.72
CA ASP C 180 39.50 6.64 -9.27
C ASP C 180 40.23 5.31 -9.12
N LYS C 181 39.51 4.21 -9.23
CA LYS C 181 40.11 2.88 -9.11
C LYS C 181 39.58 1.90 -10.15
N ILE C 182 39.63 2.31 -11.42
CA ILE C 182 39.16 1.50 -12.54
C ILE C 182 40.14 0.36 -12.81
N ASP C 183 41.43 0.64 -12.60
CA ASP C 183 42.48 -0.34 -12.83
C ASP C 183 42.32 -1.52 -11.90
N VAL C 184 41.88 -1.22 -10.68
CA VAL C 184 41.67 -2.23 -9.64
C VAL C 184 40.48 -3.14 -9.97
N ILE C 185 39.43 -2.56 -10.53
CA ILE C 185 38.23 -3.31 -10.85
C ILE C 185 38.30 -4.11 -12.17
N LYS C 186 39.17 -3.68 -13.09
CA LYS C 186 39.31 -4.36 -14.38
C LYS C 186 39.87 -5.78 -14.26
N GLN C 187 40.70 -6.01 -13.24
CA GLN C 187 41.32 -7.33 -13.01
C GLN C 187 40.24 -8.38 -12.81
N ASP C 188 40.37 -9.52 -13.47
CA ASP C 188 39.38 -10.59 -13.33
C ASP C 188 39.49 -11.33 -12.00
N ASP C 189 40.55 -11.02 -11.25
CA ASP C 189 40.78 -11.62 -9.94
C ASP C 189 40.43 -10.60 -8.84
N TYR C 190 39.64 -9.60 -9.22
CA TYR C 190 39.20 -8.53 -8.32
C TYR C 190 38.35 -9.03 -7.16
N VAL C 191 38.75 -8.62 -5.95
CA VAL C 191 38.01 -8.98 -4.74
C VAL C 191 37.61 -7.69 -4.00
N PRO C 192 36.31 -7.36 -4.03
CA PRO C 192 35.74 -6.15 -3.45
C PRO C 192 36.07 -5.97 -1.98
N SER C 193 36.69 -4.83 -1.66
CA SER C 193 37.03 -4.52 -0.27
C SER C 193 35.74 -4.18 0.46
N ASP C 194 35.81 -3.94 1.76
CA ASP C 194 34.60 -3.62 2.51
C ASP C 194 34.12 -2.21 2.21
N GLN C 195 35.05 -1.32 1.95
CA GLN C 195 34.68 0.06 1.61
C GLN C 195 34.00 0.09 0.25
N ASP C 196 34.32 -0.88 -0.60
CA ASP C 196 33.70 -1.00 -1.93
C ASP C 196 32.24 -1.40 -1.78
N LEU C 197 31.98 -2.35 -0.90
CA LEU C 197 30.64 -2.83 -0.69
C LEU C 197 29.75 -1.76 -0.10
N LEU C 198 30.33 -0.87 0.69
CA LEU C 198 29.59 0.24 1.28
C LEU C 198 29.27 1.33 0.26
N ARG C 199 30.24 1.63 -0.60
CA ARG C 199 30.07 2.65 -1.64
C ARG C 199 29.08 2.23 -2.74
N CYS C 200 28.99 0.94 -3.02
CA CYS C 200 28.10 0.42 -4.04
C CYS C 200 26.64 0.86 -3.84
N ARG C 201 26.07 1.49 -4.86
CA ARG C 201 24.70 1.97 -4.81
C ARG C 201 23.72 1.07 -5.56
N VAL C 202 22.62 0.72 -4.90
CA VAL C 202 21.58 -0.13 -5.47
C VAL C 202 20.23 0.30 -4.89
N LEU C 203 19.20 0.32 -5.73
CA LEU C 203 17.86 0.74 -5.31
C LEU C 203 17.16 -0.29 -4.43
N THR C 204 16.34 0.22 -3.50
CA THR C 204 15.58 -0.61 -2.55
C THR C 204 14.07 -0.57 -2.86
N SER C 205 13.48 -1.73 -3.12
CA SER C 205 12.04 -1.78 -3.41
C SER C 205 11.35 -2.86 -2.57
N GLY C 206 10.83 -2.44 -1.43
CA GLY C 206 10.14 -3.36 -0.53
C GLY C 206 10.66 -3.17 0.88
N ILE C 207 10.32 -4.08 1.78
CA ILE C 207 10.78 -3.97 3.16
C ILE C 207 11.68 -5.15 3.51
N PHE C 208 12.87 -4.86 4.02
CA PHE C 208 13.84 -5.90 4.38
C PHE C 208 14.14 -5.94 5.88
N GLU C 209 14.01 -7.13 6.47
CA GLU C 209 14.23 -7.32 7.90
C GLU C 209 15.62 -7.85 8.20
N THR C 210 16.32 -7.19 9.14
CA THR C 210 17.67 -7.58 9.53
C THR C 210 17.78 -7.77 11.04
N LYS C 211 18.10 -9.01 11.46
CA LYS C 211 18.23 -9.34 12.88
C LYS C 211 19.68 -9.37 13.36
N PHE C 212 19.91 -8.93 14.60
CA PHE C 212 21.25 -8.95 15.21
C PHE C 212 21.24 -8.73 16.72
N GLN C 213 22.38 -9.01 17.36
CA GLN C 213 22.52 -8.87 18.80
C GLN C 213 23.74 -8.06 19.22
N VAL C 214 23.57 -7.26 20.27
CA VAL C 214 24.64 -6.43 20.83
C VAL C 214 24.61 -6.54 22.36
N ASP C 215 25.53 -7.34 22.91
CA ASP C 215 25.62 -7.58 24.34
C ASP C 215 24.40 -8.35 24.82
N LYS C 216 24.04 -9.39 24.05
CA LYS C 216 22.88 -10.24 24.34
C LYS C 216 21.54 -9.52 24.22
N VAL C 217 21.54 -8.38 23.54
CA VAL C 217 20.33 -7.58 23.32
C VAL C 217 19.91 -7.73 21.85
N ASN C 218 18.61 -7.91 21.61
CA ASN C 218 18.09 -8.08 20.25
C ASN C 218 17.60 -6.82 19.55
N PHE C 219 17.85 -6.75 18.25
CA PHE C 219 17.44 -5.63 17.42
C PHE C 219 16.86 -6.16 16.10
N HIS C 220 15.84 -5.48 15.60
CA HIS C 220 15.20 -5.83 14.34
C HIS C 220 15.18 -4.55 13.53
N MET C 221 16.04 -4.49 12.51
CA MET C 221 16.13 -3.30 11.65
C MET C 221 15.31 -3.42 10.36
N PHE C 222 14.56 -2.38 10.03
CA PHE C 222 13.72 -2.37 8.84
C PHE C 222 14.14 -1.31 7.84
N ASP C 223 14.53 -1.76 6.65
CA ASP C 223 14.96 -0.87 5.59
C ASP C 223 13.84 -0.72 4.57
N VAL C 224 13.59 0.54 4.18
CA VAL C 224 12.55 0.86 3.20
C VAL C 224 13.07 1.82 2.13
N GLY C 225 12.37 1.87 1.00
CA GLY C 225 12.74 2.75 -0.08
C GLY C 225 12.31 4.17 0.23
N GLY C 226 13.20 5.13 0.03
CA GLY C 226 12.89 6.53 0.32
C GLY C 226 12.19 7.33 -0.77
N GLN C 227 12.23 6.82 -2.01
CA GLN C 227 11.60 7.50 -3.14
C GLN C 227 10.09 7.53 -2.98
N ARG C 228 9.50 8.64 -3.40
CA ARG C 228 8.07 8.87 -3.31
C ARG C 228 7.14 7.66 -3.46
N ASP C 229 7.27 6.94 -4.56
CA ASP C 229 6.42 5.78 -4.82
C ASP C 229 6.63 4.59 -3.86
N GLU C 230 7.79 4.56 -3.23
CA GLU C 230 8.11 3.48 -2.29
C GLU C 230 7.71 3.80 -0.85
N ARG C 231 7.17 5.00 -0.62
CA ARG C 231 6.78 5.43 0.72
C ARG C 231 5.44 4.88 1.19
N ARG C 232 4.58 4.51 0.25
CA ARG C 232 3.26 3.99 0.60
C ARG C 232 3.30 2.68 1.34
N LYS C 233 4.51 2.14 1.49
CA LYS C 233 4.73 0.88 2.18
C LYS C 233 5.13 1.09 3.63
N TRP C 234 5.61 2.28 3.96
CA TRP C 234 6.06 2.63 5.32
C TRP C 234 5.05 2.30 6.41
N ILE C 235 3.78 2.60 6.14
CA ILE C 235 2.67 2.37 7.07
C ILE C 235 2.69 0.99 7.73
N GLN C 236 3.16 -0.02 7.00
CA GLN C 236 3.23 -1.39 7.51
C GLN C 236 4.28 -1.64 8.61
N CYS C 237 4.90 -0.57 9.08
CA CYS C 237 5.91 -0.66 10.15
C CYS C 237 5.59 0.28 11.30
N PHE C 238 4.71 1.24 11.07
CA PHE C 238 4.32 2.21 12.08
C PHE C 238 3.83 1.62 13.43
N ASN C 239 3.23 0.43 13.37
CA ASN C 239 2.71 -0.19 14.59
C ASN C 239 3.76 -0.97 15.36
N ASP C 240 3.81 -0.70 16.66
CA ASP C 240 4.74 -1.35 17.58
C ASP C 240 6.21 -1.20 17.20
N VAL C 241 6.63 0.05 17.04
CA VAL C 241 8.01 0.38 16.69
C VAL C 241 8.67 1.04 17.91
N THR C 242 9.87 0.57 18.24
CA THR C 242 10.61 1.10 19.38
C THR C 242 11.12 2.52 19.10
N ALA C 243 11.66 2.73 17.91
CA ALA C 243 12.16 4.03 17.52
C ALA C 243 12.36 4.17 16.01
N ILE C 244 12.37 5.41 15.53
CA ILE C 244 12.55 5.70 14.11
C ILE C 244 13.91 6.36 13.90
N ILE C 245 14.53 6.07 12.78
CA ILE C 245 15.82 6.68 12.47
C ILE C 245 15.63 7.42 11.14
N PHE C 246 15.53 8.74 11.23
CA PHE C 246 15.36 9.57 10.05
C PHE C 246 16.73 9.96 9.51
N VAL C 247 17.05 9.51 8.31
CA VAL C 247 18.32 9.80 7.68
C VAL C 247 18.15 10.90 6.63
N VAL C 248 19.09 11.86 6.65
CA VAL C 248 19.04 13.00 5.73
C VAL C 248 20.40 13.20 5.09
N ALA C 249 20.40 13.64 3.84
CA ALA C 249 21.63 13.93 3.09
C ALA C 249 22.03 15.40 3.31
N SER C 250 22.80 15.62 4.36
CA SER C 250 23.23 16.96 4.73
C SER C 250 23.95 17.73 3.63
N SER C 251 24.65 17.04 2.74
CA SER C 251 25.39 17.72 1.68
C SER C 251 24.60 17.96 0.40
N SER C 252 23.31 17.65 0.42
CA SER C 252 22.47 17.80 -0.78
C SER C 252 21.65 19.10 -0.80
N TYR C 253 22.28 20.18 -0.37
CA TYR C 253 21.60 21.47 -0.35
C TYR C 253 21.52 22.14 -1.70
N ASN C 254 22.41 21.74 -2.62
CA ASN C 254 22.44 22.33 -3.95
C ASN C 254 21.92 21.42 -5.06
N MET C 255 21.21 20.35 -4.69
CA MET C 255 20.67 19.40 -5.66
C MET C 255 19.15 19.29 -5.60
N VAL C 256 18.57 18.70 -6.64
CA VAL C 256 17.12 18.52 -6.73
C VAL C 256 16.80 17.03 -6.81
N ILE C 257 15.62 16.64 -6.33
CA ILE C 257 15.18 15.23 -6.32
C ILE C 257 15.02 14.61 -7.70
N ARG C 258 15.30 13.31 -7.80
CA ARG C 258 15.20 12.61 -9.08
C ARG C 258 13.77 12.56 -9.65
N GLU C 259 12.80 12.44 -8.76
CA GLU C 259 11.40 12.31 -9.14
C GLU C 259 10.76 13.39 -10.01
N ASP C 260 11.30 14.61 -9.97
CA ASP C 260 10.77 15.69 -10.80
C ASP C 260 11.79 16.69 -11.34
N ASN C 261 13.01 16.61 -10.83
CA ASN C 261 14.10 17.50 -11.26
C ASN C 261 13.87 18.97 -10.94
N GLN C 262 13.19 19.26 -9.84
CA GLN C 262 12.91 20.64 -9.44
C GLN C 262 12.98 20.89 -7.93
N THR C 263 12.23 20.12 -7.16
CA THR C 263 12.19 20.27 -5.70
C THR C 263 13.54 20.03 -5.07
N ASN C 264 14.02 21.00 -4.28
CA ASN C 264 15.33 20.92 -3.61
C ASN C 264 15.45 19.70 -2.70
N ARG C 265 16.57 18.98 -2.83
CA ARG C 265 16.82 17.76 -2.07
C ARG C 265 16.65 17.91 -0.59
N LEU C 266 17.27 18.96 -0.02
CA LEU C 266 17.18 19.19 1.43
C LEU C 266 15.77 19.66 1.83
N GLN C 267 15.15 20.46 0.96
CA GLN C 267 13.81 20.94 1.22
C GLN C 267 12.84 19.77 1.28
N GLU C 268 13.11 18.74 0.48
CA GLU C 268 12.29 17.52 0.46
C GLU C 268 12.50 16.77 1.78
N ALA C 269 13.75 16.77 2.25
CA ALA C 269 14.10 16.13 3.51
C ALA C 269 13.35 16.79 4.66
N LEU C 270 13.36 18.13 4.69
CA LEU C 270 12.67 18.90 5.71
C LEU C 270 11.17 18.64 5.71
N ASN C 271 10.56 18.66 4.53
CA ASN C 271 9.12 18.42 4.40
C ASN C 271 8.75 17.03 4.87
N LEU C 272 9.48 16.03 4.38
CA LEU C 272 9.22 14.65 4.76
C LEU C 272 9.36 14.46 6.27
N PHE C 273 10.39 15.07 6.88
CA PHE C 273 10.61 14.98 8.32
C PHE C 273 9.44 15.58 9.09
N LYS C 274 8.99 16.77 8.66
CA LYS C 274 7.88 17.46 9.30
C LYS C 274 6.62 16.63 9.18
N SER C 275 6.50 15.91 8.07
CA SER C 275 5.35 15.05 7.80
C SER C 275 5.40 13.78 8.65
N ILE C 276 6.61 13.39 9.06
CA ILE C 276 6.81 12.22 9.90
C ILE C 276 6.63 12.58 11.38
N TRP C 277 7.20 13.71 11.77
CA TRP C 277 7.15 14.21 13.14
C TRP C 277 5.75 14.47 13.61
N ASN C 278 4.92 15.05 12.74
CA ASN C 278 3.55 15.37 13.09
C ASN C 278 2.52 14.32 12.63
N ASN C 279 2.98 13.10 12.36
CA ASN C 279 2.11 12.02 11.91
C ASN C 279 1.15 11.59 13.02
N ARG C 280 -0.04 11.11 12.64
CA ARG C 280 -1.07 10.69 13.59
C ARG C 280 -0.84 9.33 14.23
N TRP C 281 0.06 8.54 13.67
CA TRP C 281 0.32 7.23 14.24
C TRP C 281 1.69 7.14 14.92
N LEU C 282 2.37 8.27 15.05
CA LEU C 282 3.70 8.33 15.66
C LEU C 282 3.80 9.50 16.61
N ARG C 283 2.78 9.70 17.42
CA ARG C 283 2.75 10.82 18.36
C ARG C 283 3.55 10.56 19.63
N THR C 284 3.91 9.30 19.87
CA THR C 284 4.68 8.92 21.04
C THR C 284 5.94 8.17 20.65
N ILE C 285 6.28 8.23 19.37
CA ILE C 285 7.48 7.54 18.86
C ILE C 285 8.63 8.52 18.69
N SER C 286 9.70 8.31 19.45
CA SER C 286 10.87 9.16 19.40
C SER C 286 11.66 8.90 18.12
N VAL C 287 12.29 9.95 17.60
CA VAL C 287 13.06 9.85 16.37
C VAL C 287 14.52 10.25 16.58
N ILE C 288 15.42 9.39 16.13
CA ILE C 288 16.85 9.63 16.21
C ILE C 288 17.24 10.18 14.86
N LEU C 289 17.66 11.44 14.83
CA LEU C 289 18.02 12.10 13.58
C LEU C 289 19.48 11.89 13.17
N PHE C 290 19.69 11.35 11.96
CA PHE C 290 21.03 11.12 11.41
C PHE C 290 21.34 12.14 10.33
N LEU C 291 22.12 13.16 10.67
CA LEU C 291 22.50 14.17 9.69
C LEU C 291 23.68 13.52 8.97
N ASN C 292 23.37 12.70 7.96
CA ASN C 292 24.36 11.96 7.20
C ASN C 292 25.07 12.72 6.09
N LYS C 293 26.22 12.20 5.67
CA LYS C 293 27.05 12.77 4.61
C LYS C 293 27.83 14.01 5.03
N GLN C 294 28.32 13.98 6.26
CA GLN C 294 29.07 15.10 6.82
C GLN C 294 30.36 15.40 6.07
N ASP C 295 30.99 14.35 5.53
CA ASP C 295 32.25 14.50 4.78
C ASP C 295 32.09 15.35 3.54
N LEU C 296 31.11 15.01 2.72
CA LEU C 296 30.83 15.75 1.48
C LEU C 296 30.38 17.19 1.78
N LEU C 297 29.70 17.38 2.90
CA LEU C 297 29.25 18.70 3.30
C LEU C 297 30.43 19.62 3.50
N ALA C 298 31.45 19.13 4.21
CA ALA C 298 32.66 19.90 4.48
C ALA C 298 33.40 20.21 3.21
N GLU C 299 33.54 19.21 2.36
CA GLU C 299 34.24 19.37 1.10
C GLU C 299 33.61 20.51 0.28
N LYS C 300 32.28 20.62 0.34
CA LYS C 300 31.53 21.65 -0.38
C LYS C 300 31.68 23.03 0.27
N VAL C 301 31.56 23.06 1.59
CA VAL C 301 31.66 24.30 2.32
C VAL C 301 33.02 24.96 2.12
N LEU C 302 34.07 24.15 2.18
CA LEU C 302 35.45 24.63 2.04
C LEU C 302 35.77 25.05 0.61
N ALA C 303 35.23 24.33 -0.37
CA ALA C 303 35.45 24.63 -1.78
C ALA C 303 35.05 26.07 -2.06
N GLY C 304 33.85 26.47 -1.60
CA GLY C 304 33.38 27.83 -1.76
C GLY C 304 32.67 28.18 -3.04
N LYS C 305 32.45 27.20 -3.92
CA LYS C 305 31.77 27.46 -5.18
C LYS C 305 30.27 27.58 -5.03
N SER C 306 29.64 26.54 -4.47
CA SER C 306 28.19 26.53 -4.25
C SER C 306 27.89 27.07 -2.85
N LYS C 307 27.36 28.30 -2.79
CA LYS C 307 27.02 28.97 -1.53
C LYS C 307 25.66 28.56 -0.93
N ILE C 308 25.65 28.30 0.37
CA ILE C 308 24.45 27.89 1.06
C ILE C 308 23.39 28.99 1.10
N GLU C 309 23.82 30.24 1.30
CA GLU C 309 22.88 31.34 1.37
C GLU C 309 22.23 31.68 0.02
N ASP C 310 22.63 30.93 -1.00
CA ASP C 310 22.09 31.11 -2.35
C ASP C 310 20.93 30.16 -2.57
N TYR C 311 20.75 29.22 -1.66
CA TYR C 311 19.66 28.25 -1.71
C TYR C 311 18.71 28.50 -0.54
N PHE C 312 19.31 28.67 0.64
CA PHE C 312 18.58 28.96 1.87
C PHE C 312 19.07 30.31 2.40
N PRO C 313 18.36 31.41 2.05
CA PRO C 313 18.70 32.78 2.43
C PRO C 313 18.81 33.00 3.94
N GLU C 314 18.04 32.22 4.69
CA GLU C 314 18.03 32.34 6.13
C GLU C 314 19.38 32.13 6.78
N PHE C 315 20.30 31.49 6.05
CA PHE C 315 21.63 31.20 6.55
C PHE C 315 22.41 32.46 6.89
N ALA C 316 22.22 33.50 6.08
CA ALA C 316 22.91 34.78 6.29
C ALA C 316 22.68 35.39 7.69
N ARG C 317 21.61 34.96 8.35
CA ARG C 317 21.27 35.45 9.67
C ARG C 317 21.67 34.49 10.76
N TYR C 318 22.15 33.31 10.38
CA TYR C 318 22.54 32.29 11.35
C TYR C 318 23.99 32.36 11.78
N THR C 319 24.20 32.25 13.10
CA THR C 319 25.52 32.25 13.72
C THR C 319 25.63 31.05 14.68
N THR C 320 26.84 30.53 14.85
CA THR C 320 27.09 29.37 15.70
C THR C 320 26.68 29.59 17.16
N PRO C 321 25.99 28.61 17.77
CA PRO C 321 25.55 28.66 19.17
C PRO C 321 26.69 28.54 20.17
N GLU C 322 26.44 28.93 21.41
CA GLU C 322 27.45 28.89 22.46
C GLU C 322 27.71 27.45 22.98
N ASP C 323 26.72 26.58 22.83
CA ASP C 323 26.82 25.21 23.28
C ASP C 323 27.35 24.25 22.22
N ALA C 324 27.88 24.80 21.13
CA ALA C 324 28.41 24.00 20.03
C ALA C 324 29.68 23.25 20.38
N THR C 325 29.75 21.99 19.96
CA THR C 325 30.91 21.12 20.19
C THR C 325 31.60 20.78 18.87
N PRO C 326 32.61 21.58 18.47
CA PRO C 326 33.36 21.37 17.22
C PRO C 326 34.45 20.32 17.38
N GLU C 327 34.58 19.44 16.39
CA GLU C 327 35.62 18.42 16.42
C GLU C 327 36.98 19.12 16.34
N PRO C 328 38.00 18.56 16.98
CA PRO C 328 39.34 19.18 17.00
C PRO C 328 39.91 19.49 15.60
N GLY C 329 40.27 20.76 15.40
CA GLY C 329 40.82 21.19 14.13
C GLY C 329 39.78 21.72 13.14
N GLU C 330 38.51 21.37 13.37
CA GLU C 330 37.40 21.78 12.52
C GLU C 330 37.32 23.28 12.26
N ASP C 331 37.07 23.62 11.00
CA ASP C 331 36.97 25.00 10.55
C ASP C 331 35.66 25.64 11.03
N PRO C 332 35.70 26.93 11.43
CA PRO C 332 34.54 27.67 11.89
C PRO C 332 33.39 27.59 10.91
N ARG C 333 33.72 27.78 9.63
CA ARG C 333 32.74 27.74 8.53
C ARG C 333 32.03 26.39 8.43
N VAL C 334 32.78 25.31 8.63
CA VAL C 334 32.21 23.98 8.58
C VAL C 334 31.25 23.81 9.77
N THR C 335 31.70 24.24 10.93
CA THR C 335 30.92 24.15 12.17
C THR C 335 29.58 24.86 11.98
N ARG C 336 29.66 26.10 11.49
CA ARG C 336 28.51 26.95 11.27
C ARG C 336 27.48 26.34 10.31
N ALA C 337 27.96 25.74 9.22
CA ALA C 337 27.08 25.11 8.23
C ALA C 337 26.43 23.84 8.76
N LYS C 338 27.24 22.94 9.31
CA LYS C 338 26.73 21.67 9.83
C LYS C 338 25.71 21.87 10.93
N TYR C 339 25.86 22.95 11.66
CA TYR C 339 24.95 23.25 12.76
C TYR C 339 23.71 24.00 12.27
N PHE C 340 23.84 24.69 11.14
CA PHE C 340 22.72 25.43 10.59
C PHE C 340 21.66 24.45 10.18
N ILE C 341 22.10 23.38 9.51
CA ILE C 341 21.21 22.32 9.05
C ILE C 341 20.53 21.61 10.23
N ARG C 342 21.27 21.48 11.33
CA ARG C 342 20.74 20.83 12.52
C ARG C 342 19.57 21.62 13.09
N ASP C 343 19.76 22.92 13.18
CA ASP C 343 18.75 23.81 13.73
C ASP C 343 17.48 23.93 12.87
N GLU C 344 17.63 23.69 11.57
CA GLU C 344 16.49 23.76 10.66
C GLU C 344 15.56 22.59 10.93
N PHE C 345 16.14 21.43 11.26
CA PHE C 345 15.36 20.23 11.56
C PHE C 345 14.77 20.23 12.96
N LEU C 346 15.51 20.85 13.90
CA LEU C 346 15.07 20.98 15.30
C LEU C 346 13.93 21.98 15.45
N ARG C 347 14.02 23.09 14.68
CA ARG C 347 13.00 24.13 14.67
C ARG C 347 11.61 23.52 14.40
N ILE C 348 11.57 22.51 13.54
CA ILE C 348 10.34 21.82 13.18
C ILE C 348 9.88 20.90 14.31
N SER C 349 10.81 20.12 14.86
CA SER C 349 10.50 19.19 15.94
C SER C 349 10.16 19.87 17.25
N THR C 350 10.73 21.06 17.45
CA THR C 350 10.52 21.86 18.66
C THR C 350 9.12 22.47 18.76
N ALA C 351 8.57 22.83 17.61
CA ALA C 351 7.24 23.43 17.54
C ALA C 351 6.06 22.64 18.09
N SER C 352 6.15 21.32 18.19
CA SER C 352 5.01 20.54 18.72
C SER C 352 5.37 19.18 19.29
N GLY C 353 4.35 18.49 19.79
CA GLY C 353 4.52 17.16 20.37
C GLY C 353 5.10 17.16 21.77
N ASP C 354 5.18 18.35 22.36
CA ASP C 354 5.72 18.59 23.69
C ASP C 354 5.53 17.45 24.71
N GLY C 355 6.66 16.96 25.22
CA GLY C 355 6.63 15.89 26.21
C GLY C 355 6.38 14.48 25.70
N ARG C 356 5.45 14.34 24.76
CA ARG C 356 5.09 13.03 24.18
C ARG C 356 6.27 12.21 23.64
N HIS C 357 7.05 12.79 22.71
CA HIS C 357 8.21 12.12 22.12
C HIS C 357 9.38 13.08 21.92
N TYR C 358 10.58 12.54 21.75
CA TYR C 358 11.77 13.36 21.59
C TYR C 358 12.60 13.15 20.33
N CYS C 359 13.44 14.13 20.02
CA CYS C 359 14.32 14.10 18.85
C CYS C 359 15.79 14.19 19.27
N TYR C 360 16.62 13.29 18.76
CA TYR C 360 18.03 13.26 19.09
C TYR C 360 18.96 13.35 17.88
N PRO C 361 19.48 14.55 17.60
CA PRO C 361 20.39 14.82 16.49
C PRO C 361 21.73 14.12 16.60
N HIS C 362 22.32 13.81 15.45
CA HIS C 362 23.61 13.12 15.35
C HIS C 362 24.31 13.47 14.04
N PHE C 363 25.60 13.76 14.10
CA PHE C 363 26.38 14.07 12.91
C PHE C 363 26.94 12.74 12.43
N THR C 364 26.49 12.32 11.25
CA THR C 364 26.87 11.01 10.68
C THR C 364 27.55 10.97 9.30
N CYS C 365 28.29 9.88 9.07
CA CYS C 365 28.98 9.61 7.83
C CYS C 365 28.90 8.07 7.62
N ALA C 366 27.74 7.59 7.17
CA ALA C 366 27.45 6.16 6.95
C ALA C 366 28.56 5.27 6.40
N VAL C 367 29.27 5.72 5.38
CA VAL C 367 30.35 4.93 4.79
C VAL C 367 31.60 4.86 5.66
N ASP C 368 31.47 5.28 6.91
CA ASP C 368 32.56 5.29 7.86
C ASP C 368 32.25 4.38 9.06
N THR C 369 32.68 3.13 8.98
CA THR C 369 32.45 2.13 10.02
C THR C 369 32.88 2.61 11.40
N GLU C 370 33.93 3.43 11.44
CA GLU C 370 34.44 3.96 12.70
C GLU C 370 33.40 4.86 13.35
N ASN C 371 32.86 5.80 12.56
CA ASN C 371 31.84 6.75 13.01
C ASN C 371 30.58 6.02 13.41
N ILE C 372 30.11 5.12 12.55
CA ILE C 372 28.89 4.36 12.82
C ILE C 372 28.96 3.54 14.12
N ARG C 373 30.09 2.90 14.38
CA ARG C 373 30.26 2.12 15.59
C ARG C 373 29.99 3.04 16.79
N ARG C 374 30.58 4.24 16.74
CA ARG C 374 30.44 5.23 17.78
C ARG C 374 29.01 5.75 17.91
N VAL C 375 28.41 6.13 16.79
CA VAL C 375 27.05 6.67 16.78
C VAL C 375 25.96 5.65 17.20
N PHE C 376 26.08 4.40 16.76
CA PHE C 376 25.09 3.40 17.13
C PHE C 376 25.20 3.04 18.60
N ASN C 377 26.37 3.30 19.20
CA ASN C 377 26.57 3.03 20.63
C ASN C 377 25.90 4.14 21.43
N ASP C 378 25.78 5.31 20.80
CA ASP C 378 25.14 6.46 21.43
C ASP C 378 23.64 6.23 21.33
N CYS C 379 23.21 5.49 20.31
CA CYS C 379 21.80 5.17 20.09
C CYS C 379 21.33 4.08 21.03
N ARG C 380 22.20 3.11 21.34
CA ARG C 380 21.84 2.03 22.24
C ARG C 380 21.60 2.60 23.62
N ASP C 381 22.28 3.71 23.90
CA ASP C 381 22.17 4.41 25.17
C ASP C 381 20.79 5.07 25.29
N ILE C 382 20.39 5.80 24.26
CA ILE C 382 19.10 6.49 24.22
C ILE C 382 17.95 5.52 24.45
N ILE C 383 18.02 4.35 23.82
CA ILE C 383 16.98 3.34 23.96
C ILE C 383 16.87 2.83 25.39
N GLN C 384 18.01 2.76 26.08
CA GLN C 384 18.02 2.28 27.47
C GLN C 384 17.72 3.32 28.52
N ARG C 385 18.25 4.53 28.36
CA ARG C 385 18.01 5.62 29.30
C ARG C 385 16.52 5.94 29.37
N MET C 386 15.86 5.92 28.22
CA MET C 386 14.45 6.23 28.13
C MET C 386 13.52 5.03 28.22
N HIS C 387 14.07 3.88 28.57
CA HIS C 387 13.31 2.63 28.70
C HIS C 387 12.40 2.36 27.51
N LEU C 388 12.94 2.49 26.31
CA LEU C 388 12.18 2.26 25.08
C LEU C 388 11.97 0.77 24.79
#